data_8K7I
#
_entry.id   8K7I
#
_cell.length_a   90.148
_cell.length_b   90.148
_cell.length_c   215.477
_cell.angle_alpha   90.000
_cell.angle_beta   90.000
_cell.angle_gamma   120.000
#
_symmetry.space_group_name_H-M   'P 32 2 1'
#
loop_
_entity.id
_entity.type
_entity.pdbx_description
1 polymer 'Alpha-galactosidase A'
2 branched alpha-D-mannopyranose-(1-3)-beta-D-mannopyranose-(1-4)-2-acetamido-2-deoxy-beta-D-glucopyranose-(1-4)-2-acetamido-2-deoxy-beta-D-glucopyranose
3 branched 2-acetamido-2-deoxy-beta-D-glucopyranose-(1-4)-2-acetamido-2-deoxy-beta-D-glucopyranose
4 non-polymer 2-acetamido-2-deoxy-beta-D-glucopyranose
5 non-polymer (2~{R},3~{S},4~{R},5~{R})-2-(hydroxymethyl)-5-(methylaminomethyl)pyrrolidine-3,4-diol
6 non-polymer 'SULFATE ION'
7 non-polymer 'HEXAETHYLENE GLYCOL'
8 non-polymer GLYCEROL
9 water water
#
_entity_poly.entity_id   1
_entity_poly.type   'polypeptide(L)'
_entity_poly.pdbx_seq_one_letter_code
;LDNGLARTPTMGWLHWERFMCNLDCQEEPDSCISEKLFMEMAELMVSEGWKDAGYEYLCIDDCWMAPQRDSEGRLQADPQ
RFPHGIRQLANYVHSKGLKLGIYADVGNKTCAGFPGSFGYYDIDAQTFADWGVDLLKFDGCYCDSLENLADGYKHMSLAL
NRTGRSIVYSCEWPLYMWPFQKPNYTEIRQYCNHWRNFADIDDSWKSIKSILDWTSFNQERIVDVAGPGGWNDPDMLVIG
NFGLSWNQQVTQMALWAIMAAPLFMSNDLRHISPQAKALLQDKDVIAINQDPLGKQGYQLRQGDNFEVWERPLSGLAWAV
AMINRQEIGGPRSYTIAVASLGKGVACNPACFITQLLPVKRKLGFYEWTSRLRSHINPTGTVLLQLENTMQMSLKDLL
;
_entity_poly.pdbx_strand_id   A,B
#
# COMPACT_ATOMS: atom_id res chain seq x y z
N LEU A 1 -14.63 19.36 -25.78
CA LEU A 1 -15.11 20.73 -25.79
C LEU A 1 -14.16 21.62 -26.58
N ASP A 2 -14.69 22.29 -27.60
CA ASP A 2 -13.89 23.08 -28.54
C ASP A 2 -13.76 24.53 -28.06
N ASN A 3 -13.08 24.70 -26.93
CA ASN A 3 -12.87 26.02 -26.37
C ASN A 3 -11.40 26.45 -26.42
N GLY A 4 -10.56 25.72 -27.15
CA GLY A 4 -9.14 26.01 -27.19
C GLY A 4 -8.35 25.56 -25.98
N LEU A 5 -9.00 24.97 -24.98
CA LEU A 5 -8.34 24.59 -23.74
C LEU A 5 -8.17 23.07 -23.69
N ALA A 6 -7.33 22.63 -22.75
CA ALA A 6 -7.11 21.20 -22.51
C ALA A 6 -6.71 20.48 -23.79
N ARG A 7 -5.91 21.15 -24.61
CA ARG A 7 -5.40 20.51 -25.81
C ARG A 7 -4.46 19.38 -25.45
N THR A 8 -3.89 19.41 -24.25
CA THR A 8 -3.27 18.30 -23.58
C THR A 8 -3.99 18.13 -22.24
N PRO A 9 -3.89 16.97 -21.60
CA PRO A 9 -4.58 16.79 -20.32
C PRO A 9 -4.20 17.88 -19.34
N THR A 10 -5.22 18.45 -18.68
CA THR A 10 -4.99 19.48 -17.69
C THR A 10 -4.13 18.95 -16.56
N MET A 11 -3.17 19.77 -16.12
CA MET A 11 -2.30 19.44 -14.99
C MET A 11 -2.47 20.49 -13.90
N GLY A 12 -2.59 20.03 -12.65
CA GLY A 12 -2.65 20.93 -11.52
C GLY A 12 -2.75 20.24 -10.17
N TRP A 13 -3.42 20.90 -9.23
CA TRP A 13 -3.57 20.43 -7.85
C TRP A 13 -5.00 20.71 -7.41
N LEU A 14 -5.57 19.81 -6.62
CA LEU A 14 -6.97 19.85 -6.23
C LEU A 14 -7.07 19.30 -4.81
N HIS A 15 -7.79 20.00 -3.93
CA HIS A 15 -7.62 19.74 -2.49
C HIS A 15 -8.36 18.51 -1.99
N TRP A 16 -9.27 17.92 -2.76
CA TRP A 16 -10.34 17.13 -2.15
C TRP A 16 -9.81 15.90 -1.43
N GLU A 17 -9.05 15.04 -2.11
CA GLU A 17 -8.70 13.76 -1.51
C GLU A 17 -7.90 13.95 -0.22
N ARG A 18 -6.91 14.85 -0.24
CA ARG A 18 -6.05 14.99 0.93
C ARG A 18 -6.70 15.82 2.03
N PHE A 19 -7.45 16.86 1.67
CA PHE A 19 -7.95 17.80 2.66
C PHE A 19 -9.45 17.78 2.87
N MET A 20 -10.22 17.29 1.90
CA MET A 20 -11.65 16.92 2.06
C MET A 20 -12.44 18.18 2.44
N CYS A 21 -13.36 18.08 3.39
CA CYS A 21 -14.22 19.17 3.80
C CYS A 21 -13.92 19.59 5.23
N ASN A 22 -12.66 19.90 5.51
CA ASN A 22 -12.24 20.23 6.87
C ASN A 22 -12.52 21.70 7.11
N LEU A 23 -13.57 22.00 7.88
CA LEU A 23 -13.96 23.37 8.20
C LEU A 23 -13.45 23.83 9.57
N ASP A 24 -12.67 23.03 10.27
CA ASP A 24 -12.27 23.34 11.64
C ASP A 24 -10.95 24.10 11.64
N CYS A 25 -11.02 25.39 11.30
CA CYS A 25 -9.83 26.22 11.30
C CYS A 25 -9.35 26.59 12.70
N GLN A 26 -10.24 26.56 13.70
CA GLN A 26 -9.80 26.83 15.06
C GLN A 26 -8.84 25.75 15.56
N GLU A 27 -9.22 24.48 15.40
CA GLU A 27 -8.40 23.38 15.88
C GLU A 27 -7.43 22.85 14.84
N GLU A 28 -7.71 23.03 13.54
CA GLU A 28 -6.85 22.54 12.47
C GLU A 28 -6.57 23.64 11.46
N PRO A 29 -5.93 24.74 11.89
CA PRO A 29 -5.76 25.88 10.98
C PRO A 29 -4.95 25.56 9.72
N ASP A 30 -4.04 24.59 9.79
CA ASP A 30 -3.17 24.30 8.66
C ASP A 30 -3.76 23.27 7.69
N SER A 31 -4.89 22.67 8.06
CA SER A 31 -5.53 21.65 7.25
C SER A 31 -6.92 22.05 6.77
N CYS A 32 -7.49 23.10 7.34
CA CYS A 32 -8.85 23.48 7.00
C CYS A 32 -8.90 24.14 5.62
N ILE A 33 -10.07 24.07 5.00
CA ILE A 33 -10.26 24.61 3.65
C ILE A 33 -10.36 26.13 3.77
N SER A 34 -9.30 26.83 3.40
CA SER A 34 -9.20 28.26 3.62
C SER A 34 -8.30 28.87 2.55
N GLU A 35 -8.36 30.20 2.43
CA GLU A 35 -7.55 30.85 1.41
C GLU A 35 -6.06 30.73 1.71
N LYS A 36 -5.70 30.64 3.00
CA LYS A 36 -4.31 30.45 3.39
C LYS A 36 -3.73 29.15 2.83
N LEU A 37 -4.53 28.08 2.86
CA LEU A 37 -4.08 26.80 2.31
C LEU A 37 -3.73 26.93 0.83
N PHE A 38 -4.62 27.56 0.06
CA PHE A 38 -4.41 27.69 -1.37
C PHE A 38 -3.27 28.65 -1.69
N MET A 39 -3.11 29.70 -0.89
CA MET A 39 -1.96 30.59 -1.06
C MET A 39 -0.65 29.85 -0.85
N GLU A 40 -0.59 29.00 0.18
CA GLU A 40 0.64 28.25 0.44
C GLU A 40 0.92 27.27 -0.69
N MET A 41 -0.12 26.61 -1.20
CA MET A 41 0.09 25.67 -2.29
C MET A 41 0.55 26.39 -3.57
N ALA A 42 -0.01 27.57 -3.86
CA ALA A 42 0.47 28.32 -5.03
C ALA A 42 1.93 28.72 -4.88
N GLU A 43 2.31 29.17 -3.68
CA GLU A 43 3.70 29.52 -3.42
C GLU A 43 4.61 28.33 -3.68
N LEU A 44 4.24 27.16 -3.16
CA LEU A 44 5.10 25.99 -3.35
C LEU A 44 5.07 25.48 -4.78
N MET A 45 3.94 25.62 -5.47
CA MET A 45 3.88 25.21 -6.87
C MET A 45 4.88 25.98 -7.69
N VAL A 46 5.07 27.26 -7.38
CA VAL A 46 6.14 28.02 -8.02
C VAL A 46 7.52 27.57 -7.51
N SER A 47 7.72 27.64 -6.18
CA SER A 47 9.08 27.55 -5.65
C SER A 47 9.64 26.13 -5.67
N GLU A 48 8.80 25.09 -5.71
CA GLU A 48 9.30 23.72 -5.65
C GLU A 48 9.27 23.01 -6.99
N GLY A 49 9.14 23.74 -8.09
CA GLY A 49 9.30 23.16 -9.41
C GLY A 49 8.05 22.57 -10.03
N TRP A 50 6.90 22.67 -9.36
CA TRP A 50 5.67 22.07 -9.87
C TRP A 50 5.19 22.78 -11.14
N LYS A 51 5.17 24.11 -11.11
CA LYS A 51 4.76 24.88 -12.28
C LYS A 51 5.67 24.58 -13.47
N ASP A 52 6.99 24.54 -13.24
CA ASP A 52 7.91 24.23 -14.32
C ASP A 52 7.68 22.84 -14.88
N ALA A 53 7.24 21.89 -14.05
CA ALA A 53 6.96 20.55 -14.54
C ALA A 53 5.67 20.49 -15.35
N GLY A 54 4.82 21.51 -15.23
CA GLY A 54 3.59 21.61 -15.98
C GLY A 54 2.34 21.74 -15.13
N TYR A 55 2.43 21.60 -13.81
CA TYR A 55 1.25 21.70 -12.95
C TYR A 55 0.86 23.17 -12.83
N GLU A 56 -0.27 23.54 -13.44
CA GLU A 56 -0.64 24.92 -13.66
C GLU A 56 -1.93 25.34 -12.97
N TYR A 57 -2.87 24.42 -12.74
CA TYR A 57 -4.20 24.78 -12.25
C TYR A 57 -4.28 24.46 -10.77
N LEU A 58 -4.39 25.51 -9.94
CA LEU A 58 -4.59 25.35 -8.51
C LEU A 58 -6.09 25.40 -8.26
N CYS A 59 -6.66 24.28 -7.84
CA CYS A 59 -8.11 24.10 -7.89
C CYS A 59 -8.70 23.91 -6.51
N ILE A 60 -9.77 24.66 -6.26
CA ILE A 60 -10.57 24.55 -5.05
C ILE A 60 -11.68 23.55 -5.31
N ASP A 61 -11.89 22.61 -4.38
CA ASP A 61 -12.97 21.67 -4.54
C ASP A 61 -14.15 22.13 -3.68
N ASP A 62 -14.98 21.20 -3.22
CA ASP A 62 -16.16 21.53 -2.43
C ASP A 62 -15.76 22.14 -1.08
N CYS A 63 -16.72 22.85 -0.46
CA CYS A 63 -16.62 23.41 0.89
C CYS A 63 -15.85 24.73 0.95
N TRP A 64 -15.89 25.52 -0.12
CA TRP A 64 -15.39 26.88 -0.08
C TRP A 64 -16.49 27.92 0.11
N MET A 65 -17.76 27.52 -0.02
CA MET A 65 -18.89 28.43 -0.10
C MET A 65 -19.38 28.86 1.28
N ALA A 66 -19.88 30.10 1.34
CA ALA A 66 -20.73 30.50 2.44
C ALA A 66 -22.06 29.72 2.39
N PRO A 67 -22.73 29.55 3.53
CA PRO A 67 -23.97 28.73 3.53
C PRO A 67 -25.08 29.26 2.63
N GLN A 68 -25.05 30.53 2.23
CA GLN A 68 -26.13 31.14 1.48
C GLN A 68 -25.57 32.12 0.45
N ARG A 69 -26.42 32.47 -0.52
CA ARG A 69 -26.04 33.37 -1.61
C ARG A 69 -26.20 34.83 -1.16
N ASP A 70 -25.81 35.75 -2.05
CA ASP A 70 -25.83 37.17 -1.76
C ASP A 70 -27.16 37.79 -2.19
N SER A 71 -27.29 39.10 -1.94
CA SER A 71 -28.54 39.82 -2.22
C SER A 71 -29.01 39.63 -3.65
N GLU A 72 -28.10 39.82 -4.61
CA GLU A 72 -28.44 39.66 -6.03
C GLU A 72 -28.42 38.21 -6.48
N GLY A 73 -28.43 37.27 -5.53
CA GLY A 73 -28.48 35.85 -5.83
C GLY A 73 -27.19 35.20 -6.22
N ARG A 74 -26.05 35.79 -5.88
CA ARG A 74 -24.75 35.33 -6.37
C ARG A 74 -24.00 34.60 -5.26
N LEU A 75 -23.29 33.53 -5.63
CA LEU A 75 -22.53 32.74 -4.67
C LEU A 75 -21.53 33.60 -3.92
N GLN A 76 -21.24 33.21 -2.68
CA GLN A 76 -20.25 33.86 -1.85
C GLN A 76 -19.30 32.83 -1.26
N ALA A 77 -18.03 33.19 -1.17
CA ALA A 77 -17.07 32.39 -0.43
C ALA A 77 -17.29 32.58 1.07
N ASP A 78 -16.91 31.57 1.85
CA ASP A 78 -17.09 31.65 3.29
C ASP A 78 -16.36 32.87 3.84
N PRO A 79 -17.04 33.75 4.58
CA PRO A 79 -16.38 34.97 5.05
C PRO A 79 -15.29 34.73 6.07
N GLN A 80 -15.35 33.64 6.84
CA GLN A 80 -14.31 33.36 7.82
C GLN A 80 -13.12 32.66 7.20
N ARG A 81 -13.35 31.76 6.25
CA ARG A 81 -12.26 30.95 5.70
C ARG A 81 -11.67 31.55 4.43
N PHE A 82 -12.44 32.35 3.70
CA PHE A 82 -11.96 33.06 2.51
C PHE A 82 -12.22 34.56 2.66
N PRO A 83 -11.69 35.18 3.71
CA PRO A 83 -12.10 36.57 4.03
C PRO A 83 -11.84 37.57 2.92
N HIS A 84 -10.79 37.38 2.11
CA HIS A 84 -10.48 38.36 1.07
C HIS A 84 -11.20 38.12 -0.24
N GLY A 85 -11.89 37.00 -0.39
CA GLY A 85 -12.70 36.75 -1.57
C GLY A 85 -11.95 36.02 -2.67
N ILE A 86 -12.74 35.37 -3.53
CA ILE A 86 -12.16 34.55 -4.59
C ILE A 86 -11.40 35.40 -5.60
N ARG A 87 -11.89 36.60 -5.93
CA ARG A 87 -11.23 37.39 -6.97
C ARG A 87 -9.80 37.74 -6.56
N GLN A 88 -9.58 38.09 -5.29
CA GLN A 88 -8.23 38.42 -4.87
C GLN A 88 -7.35 37.17 -4.78
N LEU A 89 -7.93 36.05 -4.37
CA LEU A 89 -7.19 34.78 -4.42
C LEU A 89 -6.75 34.47 -5.85
N ALA A 90 -7.66 34.65 -6.81
CA ALA A 90 -7.33 34.44 -8.22
C ALA A 90 -6.26 35.41 -8.68
N ASN A 91 -6.34 36.68 -8.25
CA ASN A 91 -5.28 37.64 -8.56
C ASN A 91 -3.93 37.14 -8.07
N TYR A 92 -3.88 36.65 -6.83
CA TYR A 92 -2.63 36.16 -6.28
C TYR A 92 -2.13 34.97 -7.08
N VAL A 93 -3.04 34.04 -7.40
CA VAL A 93 -2.66 32.84 -8.15
C VAL A 93 -2.14 33.21 -9.53
N HIS A 94 -2.81 34.14 -10.20
CA HIS A 94 -2.37 34.62 -11.51
C HIS A 94 -1.01 35.32 -11.41
N SER A 95 -0.77 36.06 -10.32
CA SER A 95 0.51 36.75 -10.19
C SER A 95 1.66 35.77 -10.05
N LYS A 96 1.38 34.53 -9.62
CA LYS A 96 2.37 33.47 -9.61
C LYS A 96 2.51 32.79 -10.97
N GLY A 97 1.76 33.22 -11.97
CA GLY A 97 1.74 32.55 -13.25
C GLY A 97 0.87 31.31 -13.28
N LEU A 98 0.04 31.09 -12.27
CA LEU A 98 -0.82 29.93 -12.18
C LEU A 98 -2.26 30.29 -12.54
N LYS A 99 -3.10 29.26 -12.63
CA LYS A 99 -4.52 29.43 -12.92
C LYS A 99 -5.33 28.86 -11.76
N LEU A 100 -6.55 29.37 -11.58
CA LEU A 100 -7.38 29.02 -10.44
C LEU A 100 -8.60 28.25 -10.87
N GLY A 101 -8.85 27.12 -10.21
CA GLY A 101 -10.03 26.30 -10.46
C GLY A 101 -10.96 26.37 -9.27
N ILE A 102 -12.26 26.29 -9.53
CA ILE A 102 -13.26 26.33 -8.47
C ILE A 102 -14.27 25.21 -8.70
N TYR A 103 -15.21 25.07 -7.76
CA TYR A 103 -16.12 23.94 -7.72
C TYR A 103 -17.55 24.45 -7.59
N ALA A 104 -18.48 23.80 -8.28
CA ALA A 104 -19.90 24.03 -8.10
C ALA A 104 -20.63 22.75 -8.47
N ASP A 105 -21.95 22.77 -8.33
CA ASP A 105 -22.73 21.53 -8.44
C ASP A 105 -23.97 21.78 -9.29
N VAL A 106 -24.25 20.85 -10.20
CA VAL A 106 -25.35 20.99 -11.14
C VAL A 106 -26.71 20.98 -10.45
N GLY A 107 -26.82 20.37 -9.28
CA GLY A 107 -28.09 20.21 -8.61
C GLY A 107 -28.46 21.33 -7.66
N ASN A 108 -29.27 21.00 -6.67
CA ASN A 108 -29.77 21.96 -5.70
C ASN A 108 -28.80 22.22 -4.57
N LYS A 109 -27.87 21.31 -4.32
CA LYS A 109 -26.84 21.46 -3.30
C LYS A 109 -25.57 20.80 -3.79
N THR A 110 -24.44 21.21 -3.22
CA THR A 110 -23.21 20.48 -3.46
C THR A 110 -23.25 19.17 -2.67
N CYS A 111 -22.30 18.27 -2.97
CA CYS A 111 -22.30 16.99 -2.28
C CYS A 111 -22.11 17.16 -0.78
N ALA A 112 -21.36 18.19 -0.37
CA ALA A 112 -21.21 18.45 1.06
C ALA A 112 -22.36 19.27 1.65
N GLY A 113 -23.30 19.72 0.83
CA GLY A 113 -24.49 20.39 1.34
C GLY A 113 -24.50 21.90 1.21
N PHE A 114 -23.64 22.47 0.38
CA PHE A 114 -23.58 23.91 0.17
C PHE A 114 -24.39 24.29 -1.08
N PRO A 115 -24.58 25.59 -1.35
CA PRO A 115 -25.54 25.99 -2.40
C PRO A 115 -25.24 25.39 -3.77
N GLY A 116 -26.25 24.73 -4.35
CA GLY A 116 -26.17 24.24 -5.70
C GLY A 116 -26.42 25.34 -6.71
N SER A 117 -26.16 25.02 -7.98
CA SER A 117 -26.30 26.01 -9.04
C SER A 117 -27.56 25.83 -9.87
N PHE A 118 -28.38 24.83 -9.57
CA PHE A 118 -29.66 24.70 -10.28
C PHE A 118 -30.46 25.99 -10.14
N GLY A 119 -30.91 26.53 -11.27
CA GLY A 119 -31.60 27.80 -11.28
C GLY A 119 -30.70 29.01 -11.31
N TYR A 120 -29.37 28.82 -11.25
CA TYR A 120 -28.43 29.94 -11.21
C TYR A 120 -27.29 29.77 -12.21
N TYR A 121 -27.46 28.90 -13.20
CA TYR A 121 -26.35 28.52 -14.07
C TYR A 121 -25.68 29.74 -14.70
N ASP A 122 -26.47 30.62 -15.32
CA ASP A 122 -25.88 31.78 -15.99
C ASP A 122 -25.29 32.75 -15.00
N ILE A 123 -25.99 32.99 -13.89
CA ILE A 123 -25.46 33.83 -12.82
C ILE A 123 -24.12 33.29 -12.35
N ASP A 124 -24.05 32.00 -12.07
CA ASP A 124 -22.84 31.42 -11.49
C ASP A 124 -21.69 31.47 -12.49
N ALA A 125 -21.97 31.15 -13.76
CA ALA A 125 -20.94 31.25 -14.79
C ALA A 125 -20.38 32.66 -14.87
N GLN A 126 -21.26 33.66 -14.90
CA GLN A 126 -20.78 35.04 -15.02
C GLN A 126 -20.02 35.46 -13.77
N THR A 127 -20.47 35.00 -12.59
CA THR A 127 -19.76 35.30 -11.36
C THR A 127 -18.34 34.73 -11.39
N PHE A 128 -18.21 33.44 -11.75
CA PHE A 128 -16.90 32.83 -11.83
C PHE A 128 -16.01 33.57 -12.81
N ALA A 129 -16.56 33.95 -13.98
CA ALA A 129 -15.78 34.72 -14.95
C ALA A 129 -15.33 36.05 -14.36
N ASP A 130 -16.23 36.75 -13.67
CA ASP A 130 -15.90 38.02 -13.04
C ASP A 130 -14.79 37.84 -12.00
N TRP A 131 -14.81 36.73 -11.28
CA TRP A 131 -13.79 36.48 -10.26
C TRP A 131 -12.43 36.18 -10.88
N GLY A 132 -12.39 35.85 -12.16
CA GLY A 132 -11.15 35.41 -12.77
C GLY A 132 -10.91 33.92 -12.69
N VAL A 133 -11.95 33.13 -12.41
CA VAL A 133 -11.82 31.68 -12.39
C VAL A 133 -11.38 31.15 -13.76
N ASP A 134 -10.48 30.15 -13.76
CA ASP A 134 -9.96 29.57 -14.99
C ASP A 134 -10.41 28.14 -15.22
N LEU A 135 -11.03 27.49 -14.24
CA LEU A 135 -11.49 26.12 -14.39
C LEU A 135 -12.66 25.92 -13.44
N LEU A 136 -13.65 25.16 -13.89
CA LEU A 136 -14.80 24.80 -13.05
C LEU A 136 -14.94 23.29 -13.02
N LYS A 137 -14.91 22.71 -11.83
CA LYS A 137 -15.32 21.33 -11.62
C LYS A 137 -16.78 21.33 -11.20
N PHE A 138 -17.61 20.59 -11.94
CA PHE A 138 -19.06 20.68 -11.83
C PHE A 138 -19.57 19.31 -11.39
N ASP A 139 -20.03 19.22 -10.15
CA ASP A 139 -20.42 18.00 -9.49
C ASP A 139 -21.90 17.70 -9.75
N GLY A 140 -22.33 16.50 -9.36
CA GLY A 140 -23.63 16.03 -9.80
C GLY A 140 -24.61 15.66 -8.70
N CYS A 141 -24.30 16.02 -7.46
CA CYS A 141 -25.17 15.65 -6.35
C CYS A 141 -26.48 16.43 -6.39
N TYR A 142 -27.49 15.87 -5.72
CA TYR A 142 -28.75 16.55 -5.46
C TYR A 142 -29.41 17.01 -6.76
N CYS A 143 -29.51 16.08 -7.70
CA CYS A 143 -30.16 16.32 -8.99
C CYS A 143 -31.20 15.23 -9.15
N ASP A 144 -32.47 15.62 -9.25
CA ASP A 144 -33.56 14.67 -9.13
C ASP A 144 -33.92 13.96 -10.44
N SER A 145 -33.26 14.27 -11.56
CA SER A 145 -33.62 13.59 -12.80
C SER A 145 -32.42 13.53 -13.73
N LEU A 146 -32.43 12.51 -14.60
CA LEU A 146 -31.39 12.42 -15.62
C LEU A 146 -31.49 13.59 -16.60
N GLU A 147 -32.72 14.04 -16.90
CA GLU A 147 -32.89 15.15 -17.81
C GLU A 147 -32.36 16.45 -17.19
N ASN A 148 -32.61 16.66 -15.90
CA ASN A 148 -32.04 17.82 -15.22
C ASN A 148 -30.52 17.74 -15.20
N LEU A 149 -29.95 16.54 -15.00
CA LEU A 149 -28.51 16.37 -15.02
C LEU A 149 -27.92 16.79 -16.37
N ALA A 150 -28.43 16.19 -17.45
CA ALA A 150 -27.93 16.50 -18.79
C ALA A 150 -28.14 17.97 -19.13
N ASP A 151 -29.37 18.46 -18.92
CA ASP A 151 -29.68 19.86 -19.21
C ASP A 151 -28.78 20.80 -18.43
N GLY A 152 -28.54 20.51 -17.15
CA GLY A 152 -27.72 21.39 -16.34
C GLY A 152 -26.28 21.43 -16.80
N TYR A 153 -25.69 20.25 -17.09
CA TYR A 153 -24.33 20.23 -17.59
C TYR A 153 -24.20 20.98 -18.91
N LYS A 154 -25.17 20.81 -19.81
CA LYS A 154 -25.09 21.49 -21.10
C LYS A 154 -25.28 22.99 -20.94
N HIS A 155 -26.23 23.38 -20.09
CA HIS A 155 -26.51 24.78 -19.85
C HIS A 155 -25.30 25.48 -19.25
N MET A 156 -24.66 24.86 -18.25
CA MET A 156 -23.50 25.48 -17.64
C MET A 156 -22.34 25.57 -18.63
N SER A 157 -22.18 24.56 -19.50
CA SER A 157 -21.19 24.68 -20.57
C SER A 157 -21.46 25.91 -21.43
N LEU A 158 -22.73 26.10 -21.83
CA LEU A 158 -23.07 27.23 -22.69
C LEU A 158 -22.87 28.57 -21.98
N ALA A 159 -23.34 28.66 -20.73
CA ALA A 159 -23.18 29.88 -19.96
C ALA A 159 -21.70 30.27 -19.84
N LEU A 160 -20.84 29.30 -19.52
CA LEU A 160 -19.41 29.59 -19.45
C LEU A 160 -18.90 30.09 -20.78
N ASN A 161 -19.29 29.44 -21.87
CA ASN A 161 -18.92 29.94 -23.20
C ASN A 161 -19.33 31.41 -23.35
N ARG A 162 -20.53 31.75 -22.88
CA ARG A 162 -21.07 33.08 -23.13
C ARG A 162 -20.36 34.15 -22.33
N THR A 163 -19.77 33.80 -21.18
CA THR A 163 -19.03 34.81 -20.43
C THR A 163 -17.88 35.42 -21.24
N GLY A 164 -17.38 34.74 -22.27
CA GLY A 164 -16.21 35.21 -22.99
C GLY A 164 -14.87 34.78 -22.41
N ARG A 165 -14.85 34.25 -21.20
CA ARG A 165 -13.61 33.84 -20.54
C ARG A 165 -13.33 32.37 -20.81
N SER A 166 -12.08 32.06 -21.17
CA SER A 166 -11.64 30.68 -21.31
C SER A 166 -11.64 29.99 -19.95
N ILE A 167 -12.52 29.00 -19.77
CA ILE A 167 -12.66 28.29 -18.50
C ILE A 167 -12.70 26.79 -18.79
N VAL A 168 -11.70 26.06 -18.29
CA VAL A 168 -11.73 24.60 -18.38
C VAL A 168 -12.95 24.07 -17.63
N TYR A 169 -13.69 23.18 -18.29
CA TYR A 169 -14.97 22.69 -17.78
C TYR A 169 -14.83 21.20 -17.48
N SER A 170 -14.78 20.86 -16.21
CA SER A 170 -14.60 19.49 -15.74
C SER A 170 -15.92 18.97 -15.21
N CYS A 171 -16.38 17.83 -15.74
CA CYS A 171 -17.74 17.35 -15.56
C CYS A 171 -17.78 15.99 -14.87
N GLU A 172 -18.69 15.83 -13.92
CA GLU A 172 -18.94 14.51 -13.34
C GLU A 172 -20.16 13.85 -13.94
N TRP A 173 -20.67 14.41 -15.04
CA TRP A 173 -21.88 13.93 -15.72
C TRP A 173 -21.92 12.42 -15.96
N PRO A 174 -20.93 11.79 -16.59
CA PRO A 174 -21.03 10.34 -16.85
C PRO A 174 -21.14 9.50 -15.60
N LEU A 175 -20.34 9.82 -14.58
CA LEU A 175 -20.39 9.08 -13.33
C LEU A 175 -21.80 9.05 -12.74
N TYR A 176 -22.50 10.17 -12.78
CA TYR A 176 -23.83 10.23 -12.19
C TYR A 176 -24.89 9.65 -13.11
N MET A 177 -24.61 9.58 -14.42
CA MET A 177 -25.51 8.88 -15.34
C MET A 177 -25.41 7.37 -15.21
N TRP A 178 -24.18 6.84 -15.13
CA TRP A 178 -23.88 5.43 -15.36
C TRP A 178 -24.82 4.44 -14.66
N PRO A 179 -25.18 4.59 -13.38
CA PRO A 179 -26.09 3.61 -12.76
C PRO A 179 -27.43 3.47 -13.47
N PHE A 180 -27.93 4.51 -14.14
CA PHE A 180 -29.27 4.51 -14.71
C PHE A 180 -29.29 4.32 -16.22
N GLN A 181 -28.37 4.92 -16.95
CA GLN A 181 -28.28 4.65 -18.38
C GLN A 181 -26.85 4.92 -18.84
N LYS A 182 -26.49 4.31 -19.95
CA LYS A 182 -25.16 4.48 -20.50
C LYS A 182 -24.98 5.90 -21.03
N PRO A 183 -23.88 6.58 -20.69
CA PRO A 183 -23.65 7.91 -21.23
C PRO A 183 -23.38 7.89 -22.73
N ASN A 184 -23.76 8.98 -23.39
CA ASN A 184 -23.40 9.24 -24.78
C ASN A 184 -22.17 10.14 -24.76
N TYR A 185 -21.00 9.53 -24.93
CA TYR A 185 -19.75 10.28 -24.77
C TYR A 185 -19.51 11.27 -25.90
N THR A 186 -20.16 11.11 -27.06
CA THR A 186 -20.05 12.14 -28.11
C THR A 186 -20.63 13.46 -27.64
N GLU A 187 -21.80 13.42 -27.00
CA GLU A 187 -22.41 14.63 -26.44
C GLU A 187 -21.58 15.19 -25.29
N ILE A 188 -21.16 14.32 -24.35
CA ILE A 188 -20.37 14.79 -23.21
C ILE A 188 -19.11 15.48 -23.69
N ARG A 189 -18.40 14.87 -24.65
CA ARG A 189 -17.20 15.48 -25.19
C ARG A 189 -17.53 16.81 -25.87
N GLN A 190 -18.70 16.90 -26.51
CA GLN A 190 -19.09 18.19 -27.09
C GLN A 190 -19.18 19.27 -26.02
N TYR A 191 -19.61 18.92 -24.80
CA TYR A 191 -19.84 19.94 -23.78
C TYR A 191 -18.75 20.06 -22.71
N CYS A 192 -17.82 19.11 -22.58
CA CYS A 192 -16.93 19.07 -21.43
C CYS A 192 -15.47 18.90 -21.86
N ASN A 193 -14.54 19.56 -21.14
CA ASN A 193 -13.10 19.35 -21.39
C ASN A 193 -12.58 18.05 -20.78
N HIS A 194 -13.16 17.60 -19.68
CA HIS A 194 -12.92 16.24 -19.23
C HIS A 194 -14.07 15.82 -18.33
N TRP A 195 -14.16 14.50 -18.11
CA TRP A 195 -15.33 13.95 -17.45
C TRP A 195 -14.94 12.76 -16.57
N ARG A 196 -15.44 12.77 -15.35
CA ARG A 196 -15.22 11.67 -14.41
C ARG A 196 -16.14 10.51 -14.77
N ASN A 197 -15.57 9.30 -14.92
CA ASN A 197 -16.35 8.13 -15.27
C ASN A 197 -16.68 7.23 -14.10
N PHE A 198 -15.84 7.21 -13.07
CA PHE A 198 -15.93 6.17 -12.05
C PHE A 198 -15.85 6.81 -10.66
N ALA A 199 -16.00 5.96 -9.64
CA ALA A 199 -16.15 6.40 -8.26
C ALA A 199 -14.89 7.10 -7.75
N ASP A 200 -15.09 7.95 -6.75
CA ASP A 200 -14.01 8.75 -6.17
C ASP A 200 -12.83 7.89 -5.75
N ILE A 201 -11.63 8.35 -6.10
CA ILE A 201 -10.40 7.70 -5.64
C ILE A 201 -10.23 7.95 -4.15
N ASP A 202 -9.52 7.05 -3.49
CA ASP A 202 -9.06 7.31 -2.13
C ASP A 202 -7.60 6.88 -2.05
N ASP A 203 -7.05 6.91 -0.85
CA ASP A 203 -5.62 6.68 -0.62
C ASP A 203 -5.36 5.18 -0.44
N SER A 204 -5.60 4.42 -1.50
CA SER A 204 -5.43 2.97 -1.39
C SER A 204 -5.10 2.36 -2.74
N TRP A 205 -4.29 1.29 -2.69
CA TRP A 205 -4.06 0.45 -3.86
C TRP A 205 -5.37 -0.11 -4.41
N LYS A 206 -6.30 -0.46 -3.52
CA LYS A 206 -7.59 -0.98 -3.96
C LYS A 206 -8.28 -0.03 -4.93
N SER A 207 -8.29 1.27 -4.64
CA SER A 207 -8.98 2.18 -5.56
C SER A 207 -8.23 2.33 -6.88
N ILE A 208 -6.89 2.28 -6.87
CA ILE A 208 -6.14 2.29 -8.14
C ILE A 208 -6.56 1.10 -9.00
N LYS A 209 -6.53 -0.10 -8.40
CA LYS A 209 -6.92 -1.30 -9.13
C LYS A 209 -8.35 -1.19 -9.66
N SER A 210 -9.28 -0.67 -8.84
CA SER A 210 -10.65 -0.54 -9.27
C SER A 210 -10.77 0.39 -10.47
N ILE A 211 -10.04 1.50 -10.44
CA ILE A 211 -10.09 2.46 -11.54
C ILE A 211 -9.53 1.85 -12.81
N LEU A 212 -8.40 1.15 -12.70
CA LEU A 212 -7.81 0.51 -13.87
C LEU A 212 -8.72 -0.56 -14.45
N ASP A 213 -9.32 -1.38 -13.58
CA ASP A 213 -10.16 -2.48 -14.04
C ASP A 213 -11.43 -1.96 -14.70
N TRP A 214 -12.02 -0.89 -14.15
CA TRP A 214 -13.21 -0.34 -14.79
C TRP A 214 -12.88 0.41 -16.07
N THR A 215 -11.69 1.02 -16.15
CA THR A 215 -11.28 1.65 -17.41
C THR A 215 -11.09 0.60 -18.50
N SER A 216 -10.35 -0.47 -18.20
CA SER A 216 -10.15 -1.49 -19.22
C SER A 216 -11.46 -2.21 -19.55
N PHE A 217 -12.33 -2.40 -18.56
CA PHE A 217 -13.64 -3.00 -18.81
C PHE A 217 -14.45 -2.17 -19.80
N ASN A 218 -14.28 -0.85 -19.77
CA ASN A 218 -15.08 0.07 -20.57
C ASN A 218 -14.32 0.62 -21.77
N GLN A 219 -13.15 0.07 -22.10
CA GLN A 219 -12.26 0.81 -22.98
C GLN A 219 -12.82 0.92 -24.39
N GLU A 220 -13.64 -0.03 -24.84
CA GLU A 220 -14.23 0.07 -26.16
C GLU A 220 -15.20 1.23 -26.26
N ARG A 221 -15.70 1.71 -25.12
CA ARG A 221 -16.66 2.80 -25.07
C ARG A 221 -16.02 4.17 -24.88
N ILE A 222 -14.89 4.27 -24.20
CA ILE A 222 -14.37 5.58 -23.79
C ILE A 222 -13.04 5.95 -24.44
N VAL A 223 -12.25 4.99 -24.94
CA VAL A 223 -10.87 5.31 -25.30
C VAL A 223 -10.82 6.18 -26.55
N ASP A 224 -11.65 5.88 -27.54
CA ASP A 224 -11.59 6.59 -28.82
C ASP A 224 -12.19 7.99 -28.74
N VAL A 225 -13.05 8.28 -27.78
CA VAL A 225 -13.64 9.61 -27.72
C VAL A 225 -12.67 10.62 -27.14
N ALA A 226 -11.68 10.17 -26.37
CA ALA A 226 -10.70 11.07 -25.77
C ALA A 226 -9.76 11.64 -26.83
N GLY A 227 -9.33 12.88 -26.61
CA GLY A 227 -8.44 13.56 -27.50
C GLY A 227 -8.36 15.02 -27.14
N PRO A 228 -7.51 15.80 -27.84
CA PRO A 228 -7.33 17.21 -27.51
C PRO A 228 -8.66 17.93 -27.34
N GLY A 229 -8.84 18.57 -26.19
CA GLY A 229 -10.09 19.22 -25.85
C GLY A 229 -11.03 18.42 -24.97
N GLY A 230 -10.79 17.12 -24.78
CA GLY A 230 -11.75 16.27 -24.12
C GLY A 230 -11.17 14.94 -23.64
N TRP A 231 -11.01 14.78 -22.33
CA TRP A 231 -10.30 13.65 -21.76
C TRP A 231 -11.17 12.87 -20.79
N ASN A 232 -10.91 11.56 -20.70
CA ASN A 232 -11.44 10.78 -19.60
C ASN A 232 -10.71 11.14 -18.32
N ASP A 233 -11.46 11.28 -17.23
CA ASP A 233 -10.88 11.65 -15.94
C ASP A 233 -11.00 10.49 -14.97
N PRO A 234 -9.91 9.76 -14.70
CA PRO A 234 -9.94 8.68 -13.71
C PRO A 234 -9.73 9.14 -12.28
N ASP A 235 -9.75 10.46 -12.05
CA ASP A 235 -9.66 11.14 -10.75
C ASP A 235 -8.21 11.42 -10.33
N MET A 236 -8.06 12.01 -9.15
CA MET A 236 -6.82 12.65 -8.71
C MET A 236 -5.65 11.67 -8.57
N LEU A 237 -4.45 12.20 -8.78
CA LEU A 237 -3.24 11.52 -8.36
C LEU A 237 -3.13 11.59 -6.85
N VAL A 238 -2.85 10.46 -6.21
CA VAL A 238 -2.69 10.43 -4.75
C VAL A 238 -1.26 10.11 -4.37
N ILE A 239 -0.33 10.18 -5.32
CA ILE A 239 1.10 10.07 -5.00
C ILE A 239 1.48 11.14 -3.99
N GLY A 240 2.23 10.74 -2.97
CA GLY A 240 2.69 11.63 -1.94
C GLY A 240 1.90 11.61 -0.65
N ASN A 241 0.84 10.81 -0.57
CA ASN A 241 0.02 10.69 0.63
C ASN A 241 0.48 9.45 1.41
N PHE A 242 -0.42 8.57 1.84
CA PHE A 242 -0.10 7.62 2.90
C PHE A 242 -0.36 6.16 2.57
N GLY A 243 -1.23 5.86 1.61
CA GLY A 243 -1.72 4.50 1.41
C GLY A 243 -1.07 3.70 0.31
N LEU A 244 -0.23 4.33 -0.51
CA LEU A 244 0.35 3.69 -1.68
C LEU A 244 1.82 3.40 -1.42
N SER A 245 2.24 2.16 -1.67
CA SER A 245 3.65 1.85 -1.67
C SER A 245 4.32 2.53 -2.86
N TRP A 246 5.65 2.54 -2.85
CA TRP A 246 6.40 3.15 -3.94
C TRP A 246 5.99 2.56 -5.29
N ASN A 247 5.88 1.24 -5.37
CA ASN A 247 5.54 0.63 -6.65
C ASN A 247 4.09 0.90 -7.05
N GLN A 248 3.21 1.10 -6.08
CA GLN A 248 1.83 1.47 -6.41
C GLN A 248 1.75 2.91 -6.90
N GLN A 249 2.58 3.79 -6.33
CA GLN A 249 2.65 5.16 -6.86
C GLN A 249 3.22 5.18 -8.27
N VAL A 250 4.23 4.34 -8.54
CA VAL A 250 4.76 4.23 -9.89
C VAL A 250 3.66 3.77 -10.83
N THR A 251 2.87 2.77 -10.41
CA THR A 251 1.78 2.30 -11.26
C THR A 251 0.79 3.42 -11.56
N GLN A 252 0.44 4.23 -10.55
CA GLN A 252 -0.52 5.31 -10.85
C GLN A 252 0.06 6.31 -11.82
N MET A 253 1.32 6.74 -11.61
CA MET A 253 1.91 7.72 -12.51
C MET A 253 2.01 7.18 -13.94
N ALA A 254 2.49 5.94 -14.08
CA ALA A 254 2.63 5.34 -15.41
C ALA A 254 1.29 5.18 -16.11
N LEU A 255 0.26 4.71 -15.40
CA LEU A 255 -1.00 4.43 -16.08
C LEU A 255 -1.80 5.69 -16.34
N TRP A 256 -1.68 6.70 -15.48
CA TRP A 256 -2.28 7.99 -15.77
C TRP A 256 -1.62 8.63 -16.99
N ALA A 257 -0.32 8.36 -17.21
CA ALA A 257 0.29 8.80 -18.47
C ALA A 257 -0.24 8.01 -19.67
N ILE A 258 -0.31 6.68 -19.52
CA ILE A 258 -0.86 5.82 -20.59
C ILE A 258 -2.27 6.26 -20.97
N MET A 259 -3.07 6.65 -19.98
CA MET A 259 -4.49 6.92 -20.19
C MET A 259 -4.77 8.35 -20.64
N ALA A 260 -3.74 9.18 -20.82
CA ALA A 260 -3.91 10.59 -21.18
C ALA A 260 -4.91 11.26 -20.22
N ALA A 261 -4.71 10.99 -18.94
CA ALA A 261 -5.50 11.47 -17.84
C ALA A 261 -5.08 12.89 -17.46
N PRO A 262 -6.04 13.75 -17.12
CA PRO A 262 -5.70 14.93 -16.33
C PRO A 262 -4.87 14.51 -15.14
N LEU A 263 -3.84 15.29 -14.84
CA LEU A 263 -2.96 15.05 -13.68
C LEU A 263 -3.25 16.11 -12.63
N PHE A 264 -4.21 15.83 -11.77
CA PHE A 264 -4.54 16.69 -10.63
C PHE A 264 -4.01 16.03 -9.35
N MET A 265 -2.87 16.51 -8.86
CA MET A 265 -2.35 16.05 -7.59
C MET A 265 -3.30 16.45 -6.47
N SER A 266 -3.50 15.54 -5.53
CA SER A 266 -4.20 15.87 -4.29
C SER A 266 -3.32 15.35 -3.16
N ASN A 267 -2.50 16.25 -2.62
CA ASN A 267 -1.49 15.92 -1.62
C ASN A 267 -1.18 17.19 -0.86
N ASP A 268 -0.23 17.12 0.06
CA ASP A 268 0.24 18.29 0.78
C ASP A 268 1.61 18.66 0.26
N LEU A 269 1.68 19.70 -0.57
CA LEU A 269 2.96 20.12 -1.12
C LEU A 269 3.92 20.63 -0.05
N ARG A 270 3.42 20.93 1.15
CA ARG A 270 4.28 21.32 2.26
C ARG A 270 5.00 20.13 2.89
N HIS A 271 4.53 18.90 2.62
CA HIS A 271 5.06 17.71 3.30
C HIS A 271 4.98 16.54 2.31
N ILE A 272 5.99 16.45 1.45
CA ILE A 272 6.01 15.45 0.40
C ILE A 272 7.44 14.94 0.26
N SER A 273 7.59 13.63 0.12
CA SER A 273 8.91 13.04 0.09
C SER A 273 9.66 13.40 -1.20
N PRO A 274 10.99 13.40 -1.16
CA PRO A 274 11.77 13.63 -2.39
C PRO A 274 11.48 12.62 -3.50
N GLN A 275 11.20 11.36 -3.14
CA GLN A 275 10.91 10.37 -4.16
C GLN A 275 9.56 10.64 -4.81
N ALA A 276 8.53 10.92 -4.00
CA ALA A 276 7.22 11.21 -4.57
C ALA A 276 7.27 12.46 -5.46
N LYS A 277 8.06 13.45 -5.04
CA LYS A 277 8.25 14.65 -5.85
C LYS A 277 8.95 14.34 -7.18
N ALA A 278 10.00 13.52 -7.15
CA ALA A 278 10.70 13.23 -8.39
C ALA A 278 9.84 12.41 -9.34
N LEU A 279 8.99 11.53 -8.79
CA LEU A 279 8.05 10.79 -9.64
C LEU A 279 7.01 11.72 -10.24
N LEU A 280 6.39 12.57 -9.43
CA LEU A 280 5.36 13.48 -9.94
C LEU A 280 5.92 14.49 -10.92
N GLN A 281 7.19 14.85 -10.78
CA GLN A 281 7.82 15.80 -11.69
C GLN A 281 8.64 15.13 -12.78
N ASP A 282 8.50 13.82 -12.94
CA ASP A 282 9.26 13.05 -13.93
C ASP A 282 8.96 13.57 -15.33
N LYS A 283 9.98 14.16 -15.97
CA LYS A 283 9.79 14.89 -17.22
C LYS A 283 9.43 13.96 -18.37
N ASP A 284 10.04 12.78 -18.43
CA ASP A 284 9.75 11.85 -19.52
C ASP A 284 8.34 11.29 -19.41
N VAL A 285 7.88 11.02 -18.19
CA VAL A 285 6.54 10.46 -18.01
C VAL A 285 5.49 11.53 -18.25
N ILE A 286 5.70 12.74 -17.72
CA ILE A 286 4.82 13.86 -18.03
C ILE A 286 4.77 14.10 -19.55
N ALA A 287 5.91 13.98 -20.23
CA ALA A 287 5.92 14.19 -21.66
C ALA A 287 5.06 13.15 -22.37
N ILE A 288 5.05 11.92 -21.89
CA ILE A 288 4.11 10.94 -22.45
C ILE A 288 2.66 11.35 -22.18
N ASN A 289 2.33 11.65 -20.93
CA ASN A 289 0.98 12.12 -20.61
C ASN A 289 0.56 13.30 -21.49
N GLN A 290 1.47 14.24 -21.73
CA GLN A 290 1.21 15.47 -22.45
C GLN A 290 1.45 15.36 -23.95
N ASP A 291 1.59 14.15 -24.47
CA ASP A 291 1.93 13.97 -25.88
C ASP A 291 0.93 14.72 -26.77
N PRO A 292 1.39 15.57 -27.69
CA PRO A 292 0.47 16.43 -28.45
C PRO A 292 -0.55 15.67 -29.27
N LEU A 293 -0.23 14.45 -29.70
CA LEU A 293 -1.18 13.67 -30.48
C LEU A 293 -2.46 13.42 -29.70
N GLY A 294 -2.36 13.22 -28.39
CA GLY A 294 -3.55 13.11 -27.57
C GLY A 294 -4.39 11.87 -27.79
N LYS A 295 -3.79 10.75 -28.19
CA LYS A 295 -4.50 9.48 -28.32
C LYS A 295 -4.40 8.69 -27.02
N GLN A 296 -5.55 8.42 -26.38
CA GLN A 296 -5.55 7.65 -25.15
C GLN A 296 -5.07 6.23 -25.40
N GLY A 297 -4.25 5.73 -24.48
CA GLY A 297 -3.84 4.34 -24.53
C GLY A 297 -4.93 3.39 -24.09
N TYR A 298 -4.57 2.11 -24.04
CA TYR A 298 -5.56 1.07 -23.79
C TYR A 298 -4.83 -0.15 -23.25
N GLN A 299 -5.61 -1.09 -22.71
CA GLN A 299 -5.04 -2.35 -22.29
C GLN A 299 -4.94 -3.28 -23.51
N LEU A 300 -3.73 -3.76 -23.78
CA LEU A 300 -3.48 -4.67 -24.89
C LEU A 300 -3.73 -6.12 -24.49
N ARG A 301 -3.25 -6.52 -23.31
CA ARG A 301 -3.33 -7.91 -22.90
C ARG A 301 -3.56 -7.98 -21.40
N GLN A 302 -4.15 -9.09 -20.98
CA GLN A 302 -4.40 -9.36 -19.58
C GLN A 302 -4.32 -10.87 -19.39
N GLY A 303 -3.60 -11.31 -18.37
CA GLY A 303 -3.43 -12.75 -18.18
C GLY A 303 -2.29 -13.10 -17.25
N ASP A 304 -2.43 -14.19 -16.48
CA ASP A 304 -1.36 -14.65 -15.60
C ASP A 304 -1.00 -13.58 -14.58
N ASN A 305 -2.01 -12.83 -14.14
CA ASN A 305 -1.84 -11.72 -13.20
C ASN A 305 -0.89 -10.66 -13.73
N PHE A 306 -0.80 -10.55 -15.06
CA PHE A 306 -0.10 -9.46 -15.73
C PHE A 306 -1.08 -8.65 -16.57
N GLU A 307 -0.72 -7.40 -16.81
CA GLU A 307 -1.44 -6.53 -17.74
C GLU A 307 -0.43 -5.83 -18.63
N VAL A 308 -0.74 -5.70 -19.91
CA VAL A 308 0.05 -4.90 -20.83
C VAL A 308 -0.87 -3.84 -21.42
N TRP A 309 -0.47 -2.58 -21.25
CA TRP A 309 -1.14 -1.43 -21.81
C TRP A 309 -0.19 -0.73 -22.75
N GLU A 310 -0.73 0.02 -23.71
CA GLU A 310 0.12 0.76 -24.63
C GLU A 310 -0.62 1.98 -25.13
N ARG A 311 0.15 2.93 -25.63
CA ARG A 311 -0.35 4.22 -26.04
C ARG A 311 0.44 4.72 -27.24
N PRO A 312 -0.23 5.03 -28.35
CA PRO A 312 0.47 5.62 -29.49
C PRO A 312 0.81 7.07 -29.22
N LEU A 313 2.01 7.47 -29.62
CA LEU A 313 2.49 8.82 -29.41
C LEU A 313 2.86 9.47 -30.74
N SER A 314 3.12 10.77 -30.68
CA SER A 314 3.56 11.51 -31.85
C SER A 314 4.87 10.94 -32.39
N GLY A 315 5.05 11.01 -33.71
CA GLY A 315 6.29 10.67 -34.36
C GLY A 315 6.74 9.22 -34.30
N LEU A 316 5.82 8.28 -34.55
CA LEU A 316 6.08 6.83 -34.62
C LEU A 316 6.46 6.22 -33.28
N ALA A 317 6.26 6.90 -32.17
CA ALA A 317 6.69 6.39 -30.88
C ALA A 317 5.49 5.82 -30.11
N TRP A 318 5.80 4.94 -29.16
CA TRP A 318 4.78 4.27 -28.37
C TRP A 318 5.23 4.20 -26.92
N ALA A 319 4.27 4.26 -26.00
CA ALA A 319 4.54 3.95 -24.60
C ALA A 319 3.92 2.60 -24.30
N VAL A 320 4.60 1.81 -23.47
CA VAL A 320 4.14 0.48 -23.10
C VAL A 320 4.29 0.33 -21.60
N ALA A 321 3.22 -0.10 -20.92
CA ALA A 321 3.23 -0.32 -19.48
C ALA A 321 2.91 -1.77 -19.20
N MET A 322 3.68 -2.39 -18.33
CA MET A 322 3.46 -3.77 -17.90
C MET A 322 3.24 -3.79 -16.40
N ILE A 323 2.10 -4.31 -15.97
CA ILE A 323 1.70 -4.32 -14.57
C ILE A 323 1.73 -5.74 -14.06
N ASN A 324 2.31 -5.93 -12.87
CA ASN A 324 2.29 -7.21 -12.17
C ASN A 324 1.24 -7.10 -11.07
N ARG A 325 0.10 -7.78 -11.26
CA ARG A 325 -1.00 -7.74 -10.31
C ARG A 325 -0.95 -8.85 -9.27
N GLN A 326 0.14 -9.62 -9.23
CA GLN A 326 0.30 -10.67 -8.23
C GLN A 326 0.85 -10.05 -6.95
N GLU A 327 0.13 -10.19 -5.84
CA GLU A 327 0.44 -9.45 -4.62
C GLU A 327 1.14 -10.32 -3.59
N ILE A 328 2.10 -11.10 -4.06
CA ILE A 328 2.86 -12.04 -3.24
C ILE A 328 4.13 -12.34 -4.01
N GLY A 329 5.19 -12.69 -3.30
CA GLY A 329 6.41 -13.09 -3.98
C GLY A 329 7.29 -11.91 -4.37
N GLY A 330 8.07 -12.10 -5.42
CA GLY A 330 9.03 -11.12 -5.86
C GLY A 330 8.78 -10.68 -7.28
N PRO A 331 9.72 -9.94 -7.86
CA PRO A 331 9.57 -9.50 -9.26
C PRO A 331 9.33 -10.69 -10.17
N ARG A 332 8.33 -10.57 -11.04
CA ARG A 332 7.93 -11.66 -11.90
C ARG A 332 8.28 -11.36 -13.34
N SER A 333 8.80 -12.36 -14.03
CA SER A 333 9.27 -12.18 -15.39
C SER A 333 8.11 -12.24 -16.38
N TYR A 334 8.09 -11.30 -17.30
CA TYR A 334 7.10 -11.25 -18.35
C TYR A 334 7.81 -11.01 -19.68
N THR A 335 7.41 -11.75 -20.71
CA THR A 335 8.05 -11.66 -22.02
C THR A 335 6.99 -11.48 -23.09
N ILE A 336 7.24 -10.57 -24.03
CA ILE A 336 6.31 -10.33 -25.13
C ILE A 336 7.10 -10.04 -26.40
N ALA A 337 6.64 -10.59 -27.51
CA ALA A 337 7.21 -10.25 -28.81
C ALA A 337 6.99 -8.78 -29.11
N VAL A 338 8.04 -8.07 -29.50
CA VAL A 338 7.88 -6.65 -29.80
C VAL A 338 6.99 -6.45 -31.02
N ALA A 339 6.90 -7.45 -31.90
CA ALA A 339 5.99 -7.36 -33.04
C ALA A 339 4.54 -7.29 -32.61
N SER A 340 4.23 -7.77 -31.40
CA SER A 340 2.90 -7.64 -30.83
C SER A 340 2.61 -6.24 -30.31
N LEU A 341 3.62 -5.39 -30.16
CA LEU A 341 3.43 -4.07 -29.58
C LEU A 341 3.15 -3.06 -30.67
N GLY A 342 2.44 -2.00 -30.29
CA GLY A 342 2.19 -0.89 -31.19
C GLY A 342 1.55 -1.32 -32.48
N LYS A 343 0.64 -2.30 -32.40
CA LYS A 343 -0.11 -2.79 -33.54
C LYS A 343 0.79 -3.36 -34.63
N GLY A 344 2.02 -3.72 -34.29
CA GLY A 344 2.93 -4.29 -35.24
C GLY A 344 3.83 -3.31 -35.94
N VAL A 345 3.67 -2.00 -35.74
CA VAL A 345 4.52 -1.02 -36.41
C VAL A 345 5.60 -0.45 -35.49
N ALA A 346 5.41 -0.53 -34.17
CA ALA A 346 6.32 0.15 -33.26
C ALA A 346 7.77 -0.25 -33.51
N CYS A 347 8.01 -1.56 -33.72
CA CYS A 347 9.37 -2.08 -33.86
C CYS A 347 9.60 -2.74 -35.22
N ASN A 348 8.89 -2.28 -36.26
CA ASN A 348 9.16 -2.71 -37.63
C ASN A 348 9.85 -1.58 -38.38
N PRO A 349 11.10 -1.76 -38.83
CA PRO A 349 11.89 -2.98 -38.72
C PRO A 349 12.57 -3.17 -37.38
N ALA A 350 12.65 -2.09 -36.59
CA ALA A 350 13.26 -2.16 -35.28
C ALA A 350 12.86 -0.93 -34.48
N CYS A 351 13.16 -0.97 -33.18
CA CYS A 351 12.90 0.14 -32.29
C CYS A 351 13.99 0.19 -31.24
N PHE A 352 14.24 1.40 -30.71
CA PHE A 352 15.03 1.59 -29.52
C PHE A 352 14.09 1.72 -28.32
N ILE A 353 14.35 0.94 -27.28
CA ILE A 353 13.48 0.87 -26.12
C ILE A 353 14.18 1.49 -24.93
N THR A 354 13.50 2.39 -24.24
CA THR A 354 13.99 3.03 -23.03
C THR A 354 13.01 2.77 -21.91
N GLN A 355 13.46 2.09 -20.86
CA GLN A 355 12.65 2.02 -19.65
C GLN A 355 12.68 3.38 -18.96
N LEU A 356 11.52 3.88 -18.56
CA LEU A 356 11.38 5.10 -17.79
C LEU A 356 11.03 4.84 -16.34
N LEU A 357 10.22 3.83 -16.04
CA LEU A 357 9.85 3.49 -14.68
C LEU A 357 9.98 1.99 -14.48
N PRO A 358 10.32 1.53 -13.26
CA PRO A 358 10.53 2.33 -12.04
C PRO A 358 11.84 3.15 -12.02
N VAL A 359 12.80 2.82 -12.89
CA VAL A 359 14.00 3.63 -13.06
C VAL A 359 14.25 3.77 -14.56
N LYS A 360 14.94 4.84 -14.94
CA LYS A 360 15.25 5.05 -16.35
C LYS A 360 16.50 4.28 -16.72
N ARG A 361 16.42 3.51 -17.80
CA ARG A 361 17.58 2.84 -18.35
C ARG A 361 17.32 2.52 -19.81
N LYS A 362 18.27 2.87 -20.67
CA LYS A 362 18.19 2.48 -22.06
C LYS A 362 18.36 0.96 -22.15
N LEU A 363 17.46 0.29 -22.88
CA LEU A 363 17.57 -1.15 -23.02
C LEU A 363 18.27 -1.55 -24.31
N GLY A 364 18.21 -0.73 -25.35
CA GLY A 364 18.90 -1.00 -26.60
C GLY A 364 17.93 -1.11 -27.76
N PHE A 365 18.45 -1.63 -28.87
CA PHE A 365 17.67 -1.82 -30.08
C PHE A 365 17.02 -3.21 -30.07
N TYR A 366 15.76 -3.25 -30.48
CA TYR A 366 15.01 -4.49 -30.61
C TYR A 366 14.50 -4.61 -32.04
N GLU A 367 14.81 -5.74 -32.68
CA GLU A 367 14.38 -5.97 -34.04
C GLU A 367 12.94 -6.47 -34.06
N TRP A 368 12.32 -6.40 -35.25
CA TRP A 368 10.94 -6.88 -35.38
C TRP A 368 10.80 -8.33 -34.92
N THR A 369 11.88 -9.11 -34.99
CA THR A 369 11.87 -10.48 -34.51
C THR A 369 12.04 -10.61 -33.00
N SER A 370 12.31 -9.52 -32.30
CA SER A 370 12.80 -9.66 -30.92
C SER A 370 11.67 -9.95 -29.94
N ARG A 371 12.07 -10.42 -28.75
CA ARG A 371 11.22 -10.56 -27.60
C ARG A 371 11.76 -9.69 -26.49
N LEU A 372 10.89 -8.93 -25.84
CA LEU A 372 11.24 -8.09 -24.71
C LEU A 372 10.89 -8.82 -23.43
N ARG A 373 11.87 -8.95 -22.54
CA ARG A 373 11.68 -9.56 -21.23
C ARG A 373 11.91 -8.54 -20.15
N SER A 374 11.05 -8.54 -19.14
CA SER A 374 11.21 -7.64 -18.02
C SER A 374 10.81 -8.35 -16.74
N HIS A 375 11.37 -7.93 -15.62
CA HIS A 375 10.90 -8.35 -14.30
C HIS A 375 10.12 -7.19 -13.71
N ILE A 376 8.91 -7.47 -13.25
CA ILE A 376 7.99 -6.43 -12.79
C ILE A 376 7.63 -6.71 -11.33
N ASN A 377 7.81 -5.68 -10.50
CA ASN A 377 7.57 -5.81 -9.07
C ASN A 377 6.09 -6.04 -8.78
N PRO A 378 5.76 -6.85 -7.76
CA PRO A 378 4.36 -6.97 -7.33
C PRO A 378 3.70 -5.61 -7.06
N THR A 379 2.58 -5.37 -7.73
CA THR A 379 1.78 -4.14 -7.73
C THR A 379 2.49 -2.97 -8.40
N GLY A 380 3.67 -3.19 -8.98
CA GLY A 380 4.38 -2.15 -9.70
C GLY A 380 4.17 -2.26 -11.20
N THR A 381 4.72 -1.29 -11.91
CA THR A 381 4.60 -1.18 -13.35
C THR A 381 5.96 -0.87 -13.95
N VAL A 382 6.27 -1.52 -15.05
CA VAL A 382 7.42 -1.14 -15.86
C VAL A 382 6.90 -0.35 -17.05
N LEU A 383 7.39 0.88 -17.20
CA LEU A 383 6.96 1.78 -18.26
C LEU A 383 8.12 1.96 -19.24
N LEU A 384 7.84 1.78 -20.52
CA LEU A 384 8.84 1.83 -21.58
C LEU A 384 8.39 2.81 -22.64
N GLN A 385 9.36 3.42 -23.32
CA GLN A 385 9.11 4.19 -24.53
C GLN A 385 9.85 3.53 -25.68
N LEU A 386 9.11 3.27 -26.76
CA LEU A 386 9.63 2.64 -27.97
C LEU A 386 9.71 3.70 -29.06
N GLU A 387 10.87 3.79 -29.71
CA GLU A 387 11.11 4.68 -30.84
C GLU A 387 11.45 3.85 -32.07
N ASN A 388 10.67 4.01 -33.13
CA ASN A 388 10.96 3.28 -34.36
C ASN A 388 12.25 3.81 -34.97
N THR A 389 13.10 2.88 -35.44
CA THR A 389 14.41 3.24 -35.97
C THR A 389 14.33 4.10 -37.23
N MET A 390 13.27 3.98 -38.02
CA MET A 390 13.23 4.66 -39.32
C MET A 390 13.46 6.17 -39.26
N LEU B 1 5.39 -24.69 24.94
CA LEU B 1 6.37 -25.76 24.98
C LEU B 1 7.47 -25.47 26.01
N ASP B 2 7.63 -26.39 26.96
CA ASP B 2 8.57 -26.22 28.06
C ASP B 2 9.93 -26.85 27.71
N ASN B 3 10.52 -26.34 26.63
CA ASN B 3 11.84 -26.77 26.20
C ASN B 3 12.92 -25.72 26.48
N GLY B 4 12.62 -24.71 27.28
CA GLY B 4 13.56 -23.64 27.52
C GLY B 4 13.79 -22.70 26.36
N LEU B 5 13.04 -22.85 25.27
CA LEU B 5 13.21 -22.05 24.07
C LEU B 5 12.06 -21.08 23.91
N ALA B 6 12.29 -20.04 23.10
CA ALA B 6 11.28 -19.03 22.80
C ALA B 6 10.74 -18.38 24.07
N ARG B 7 11.65 -18.09 25.01
CA ARG B 7 11.24 -17.33 26.19
C ARG B 7 10.83 -15.92 25.82
N THR B 8 11.31 -15.40 24.70
CA THR B 8 10.73 -14.27 24.01
C THR B 8 10.37 -14.73 22.60
N PRO B 9 9.54 -13.99 21.88
CA PRO B 9 9.19 -14.41 20.51
C PRO B 9 10.43 -14.59 19.65
N THR B 10 10.43 -15.68 18.87
CA THR B 10 11.58 -15.96 18.00
C THR B 10 11.73 -14.91 16.92
N MET B 11 12.97 -14.54 16.62
CA MET B 11 13.28 -13.56 15.60
C MET B 11 14.19 -14.19 14.55
N GLY B 12 13.83 -14.01 13.29
CA GLY B 12 14.64 -14.50 12.21
C GLY B 12 14.16 -14.11 10.82
N TRP B 13 14.45 -14.96 9.86
CA TRP B 13 14.13 -14.74 8.45
C TRP B 13 13.63 -16.07 7.88
N LEU B 14 12.60 -15.99 7.05
CA LEU B 14 11.92 -17.14 6.48
C LEU B 14 11.59 -16.81 5.03
N HIS B 15 11.86 -17.74 4.12
CA HIS B 15 11.87 -17.37 2.70
C HIS B 15 10.50 -17.32 2.06
N TRP B 16 9.44 -17.82 2.71
CA TRP B 16 8.26 -18.24 1.96
C TRP B 16 7.57 -17.08 1.25
N GLU B 17 7.25 -15.99 1.94
CA GLU B 17 6.44 -14.96 1.29
C GLU B 17 7.16 -14.34 0.09
N ARG B 18 8.45 -14.03 0.24
CA ARG B 18 9.17 -13.33 -0.81
C ARG B 18 9.59 -14.26 -1.94
N PHE B 19 9.96 -15.52 -1.62
CA PHE B 19 10.52 -16.42 -2.62
C PHE B 19 9.65 -17.64 -2.93
N MET B 20 8.74 -18.02 -2.04
CA MET B 20 7.73 -19.06 -2.30
C MET B 20 8.41 -20.35 -2.75
N CYS B 21 7.92 -21.00 -3.80
CA CYS B 21 8.42 -22.30 -4.22
C CYS B 21 9.02 -22.21 -5.61
N ASN B 22 9.96 -21.29 -5.80
CA ASN B 22 10.60 -21.10 -7.10
C ASN B 22 11.65 -22.17 -7.30
N LEU B 23 11.42 -23.09 -8.23
CA LEU B 23 12.35 -24.16 -8.53
C LEU B 23 13.16 -23.91 -9.81
N ASP B 24 12.91 -22.80 -10.51
CA ASP B 24 13.52 -22.56 -11.82
C ASP B 24 14.82 -21.77 -11.62
N CYS B 25 15.87 -22.49 -11.22
CA CYS B 25 17.16 -21.84 -11.05
C CYS B 25 17.83 -21.48 -12.37
N GLN B 26 17.35 -22.03 -13.49
CA GLN B 26 17.96 -21.66 -14.78
C GLN B 26 17.48 -20.30 -15.26
N GLU B 27 16.18 -20.03 -15.17
CA GLU B 27 15.63 -18.76 -15.63
C GLU B 27 15.42 -17.73 -14.52
N GLU B 28 15.32 -18.16 -13.26
CA GLU B 28 15.14 -17.24 -12.13
C GLU B 28 16.17 -17.55 -11.04
N PRO B 29 17.47 -17.55 -11.37
CA PRO B 29 18.47 -18.01 -10.40
C PRO B 29 18.52 -17.19 -9.11
N ASP B 30 18.20 -15.90 -9.16
CA ASP B 30 18.29 -15.10 -7.96
C ASP B 30 17.07 -15.25 -7.05
N SER B 31 16.01 -15.89 -7.55
CA SER B 31 14.78 -16.11 -6.80
C SER B 31 14.58 -17.57 -6.40
N CYS B 32 15.33 -18.51 -6.97
CA CYS B 32 15.02 -19.91 -6.75
C CYS B 32 15.52 -20.35 -5.38
N ILE B 33 14.89 -21.40 -4.85
CA ILE B 33 15.18 -21.92 -3.52
C ILE B 33 16.44 -22.77 -3.62
N SER B 34 17.58 -22.21 -3.20
CA SER B 34 18.87 -22.87 -3.37
C SER B 34 19.76 -22.56 -2.18
N GLU B 35 20.78 -23.38 -1.99
CA GLU B 35 21.70 -23.18 -0.87
C GLU B 35 22.44 -21.86 -0.99
N LYS B 36 22.68 -21.38 -2.21
CA LYS B 36 23.39 -20.11 -2.38
C LYS B 36 22.55 -18.95 -1.90
N LEU B 37 21.24 -19.00 -2.11
CA LEU B 37 20.34 -18.00 -1.55
C LEU B 37 20.51 -17.87 -0.05
N PHE B 38 20.47 -19.02 0.66
CA PHE B 38 20.53 -19.00 2.11
C PHE B 38 21.92 -18.61 2.61
N MET B 39 22.97 -19.03 1.92
CA MET B 39 24.32 -18.61 2.30
C MET B 39 24.46 -17.10 2.19
N GLU B 40 23.99 -16.52 1.08
CA GLU B 40 24.10 -15.07 0.91
C GLU B 40 23.24 -14.35 1.94
N MET B 41 22.05 -14.87 2.21
CA MET B 41 21.18 -14.26 3.20
C MET B 41 21.84 -14.30 4.59
N ALA B 42 22.52 -15.39 4.92
CA ALA B 42 23.24 -15.45 6.20
C ALA B 42 24.37 -14.42 6.25
N GLU B 43 25.13 -14.31 5.18
CA GLU B 43 26.19 -13.31 5.11
C GLU B 43 25.64 -11.91 5.39
N LEU B 44 24.51 -11.58 4.75
CA LEU B 44 23.94 -10.25 4.97
C LEU B 44 23.32 -10.10 6.35
N MET B 45 22.71 -11.16 6.88
CA MET B 45 22.20 -11.08 8.25
C MET B 45 23.31 -10.67 9.20
N VAL B 46 24.53 -11.16 8.95
CA VAL B 46 25.66 -10.73 9.79
C VAL B 46 26.09 -9.30 9.44
N SER B 47 26.37 -9.04 8.16
CA SER B 47 27.08 -7.80 7.82
C SER B 47 26.18 -6.56 7.86
N GLU B 48 24.86 -6.71 7.71
CA GLU B 48 23.97 -5.55 7.67
C GLU B 48 23.22 -5.33 8.97
N GLY B 49 23.66 -5.93 10.08
CA GLY B 49 23.15 -5.60 11.39
C GLY B 49 21.94 -6.37 11.84
N TRP B 50 21.48 -7.36 11.06
CA TRP B 50 20.26 -8.08 11.40
C TRP B 50 20.46 -8.96 12.62
N LYS B 51 21.59 -9.67 12.68
CA LYS B 51 21.88 -10.49 13.86
C LYS B 51 22.01 -9.63 15.11
N ASP B 52 22.68 -8.48 15.00
CA ASP B 52 22.80 -7.59 16.15
C ASP B 52 21.44 -7.12 16.65
N ALA B 53 20.52 -6.81 15.73
CA ALA B 53 19.18 -6.40 16.11
C ALA B 53 18.41 -7.53 16.80
N GLY B 54 18.82 -8.77 16.59
CA GLY B 54 18.21 -9.92 17.24
C GLY B 54 17.68 -10.98 16.28
N TYR B 55 17.72 -10.74 14.97
CA TYR B 55 17.24 -11.73 14.01
C TYR B 55 18.30 -12.82 13.88
N GLU B 56 18.00 -13.99 14.42
CA GLU B 56 18.97 -15.04 14.66
C GLU B 56 18.71 -16.30 13.85
N TYR B 57 17.46 -16.62 13.55
CA TYR B 57 17.12 -17.86 12.87
C TYR B 57 16.99 -17.61 11.38
N LEU B 58 17.86 -18.23 10.59
CA LEU B 58 17.74 -18.26 9.13
C LEU B 58 16.98 -19.52 8.77
N CYS B 59 15.77 -19.37 8.24
CA CYS B 59 14.84 -20.48 8.14
C CYS B 59 14.52 -20.81 6.69
N ILE B 60 14.68 -22.09 6.34
CA ILE B 60 14.19 -22.62 5.07
C ILE B 60 12.72 -22.98 5.24
N ASP B 61 11.92 -22.64 4.23
CA ASP B 61 10.53 -23.05 4.21
C ASP B 61 10.38 -24.22 3.23
N ASP B 62 9.20 -24.39 2.64
CA ASP B 62 8.94 -25.52 1.75
C ASP B 62 9.84 -25.49 0.52
N CYS B 63 9.90 -26.64 -0.16
CA CYS B 63 10.56 -26.80 -1.47
C CYS B 63 12.08 -26.81 -1.37
N TRP B 64 12.61 -27.39 -0.30
CA TRP B 64 14.03 -27.70 -0.23
C TRP B 64 14.34 -29.17 -0.50
N MET B 65 13.33 -30.04 -0.44
CA MET B 65 13.55 -31.49 -0.42
C MET B 65 13.73 -32.07 -1.81
N ALA B 66 14.49 -33.16 -1.87
CA ALA B 66 14.45 -34.02 -3.03
C ALA B 66 13.05 -34.62 -3.16
N PRO B 67 12.63 -35.00 -4.38
CA PRO B 67 11.26 -35.51 -4.55
C PRO B 67 10.99 -36.80 -3.78
N GLN B 68 12.01 -37.49 -3.28
CA GLN B 68 11.81 -38.75 -2.58
C GLN B 68 12.96 -38.96 -1.60
N ARG B 69 12.68 -39.74 -0.56
CA ARG B 69 13.68 -40.02 0.47
C ARG B 69 14.78 -40.92 -0.11
N ASP B 70 15.82 -41.13 0.68
CA ASP B 70 16.96 -41.92 0.24
C ASP B 70 16.68 -43.42 0.46
N SER B 71 17.71 -44.24 0.29
CA SER B 71 17.53 -45.68 0.44
C SER B 71 17.21 -46.08 1.88
N GLU B 72 17.78 -45.38 2.85
CA GLU B 72 17.47 -45.61 4.26
C GLU B 72 16.25 -44.82 4.73
N GLY B 73 15.39 -44.39 3.82
CA GLY B 73 14.16 -43.71 4.19
C GLY B 73 14.32 -42.33 4.80
N ARG B 74 15.49 -41.71 4.66
CA ARG B 74 15.71 -40.39 5.22
C ARG B 74 15.45 -39.30 4.17
N LEU B 75 14.98 -38.16 4.65
CA LEU B 75 14.78 -37.01 3.77
C LEU B 75 16.12 -36.55 3.20
N GLN B 76 16.07 -36.06 1.96
CA GLN B 76 17.25 -35.51 1.30
C GLN B 76 16.93 -34.11 0.79
N ALA B 77 17.90 -33.21 0.93
CA ALA B 77 17.82 -31.93 0.23
C ALA B 77 17.97 -32.17 -1.27
N ASP B 78 17.44 -31.24 -2.04
CA ASP B 78 17.48 -31.38 -3.50
C ASP B 78 18.94 -31.45 -3.96
N PRO B 79 19.32 -32.45 -4.75
CA PRO B 79 20.73 -32.56 -5.17
C PRO B 79 21.18 -31.45 -6.11
N GLN B 80 20.27 -30.90 -6.92
CA GLN B 80 20.67 -29.79 -7.79
C GLN B 80 20.70 -28.45 -7.06
N ARG B 81 19.69 -28.16 -6.25
CA ARG B 81 19.59 -26.86 -5.61
C ARG B 81 20.31 -26.80 -4.27
N PHE B 82 20.40 -27.91 -3.54
CA PHE B 82 21.17 -28.00 -2.31
C PHE B 82 22.22 -29.10 -2.41
N PRO B 83 23.18 -28.99 -3.36
CA PRO B 83 24.12 -30.10 -3.56
C PRO B 83 25.02 -30.37 -2.38
N HIS B 84 25.38 -29.35 -1.59
CA HIS B 84 26.27 -29.56 -0.46
C HIS B 84 25.58 -30.05 0.80
N GLY B 85 24.25 -30.07 0.82
CA GLY B 85 23.52 -30.70 1.91
C GLY B 85 23.23 -29.77 3.09
N ILE B 86 22.20 -30.17 3.84
CA ILE B 86 21.72 -29.37 4.96
C ILE B 86 22.77 -29.26 6.05
N ARG B 87 23.57 -30.31 6.26
CA ARG B 87 24.50 -30.25 7.39
C ARG B 87 25.62 -29.26 7.09
N GLN B 88 26.08 -29.20 5.85
CA GLN B 88 27.06 -28.17 5.48
C GLN B 88 26.44 -26.78 5.56
N LEU B 89 25.18 -26.64 5.10
CA LEU B 89 24.53 -25.34 5.25
C LEU B 89 24.42 -24.93 6.71
N ALA B 90 24.10 -25.89 7.59
CA ALA B 90 23.99 -25.62 9.01
C ALA B 90 25.33 -25.26 9.63
N ASN B 91 26.41 -25.92 9.19
CA ASN B 91 27.73 -25.54 9.68
C ASN B 91 28.08 -24.12 9.24
N TYR B 92 27.76 -23.77 7.99
CA TYR B 92 28.01 -22.41 7.51
C TYR B 92 27.22 -21.40 8.33
N VAL B 93 25.93 -21.68 8.55
CA VAL B 93 25.07 -20.78 9.32
C VAL B 93 25.59 -20.62 10.75
N HIS B 94 25.91 -21.75 11.40
CA HIS B 94 26.43 -21.70 12.76
C HIS B 94 27.75 -20.95 12.83
N SER B 95 28.57 -21.06 11.79
CA SER B 95 29.84 -20.35 11.77
C SER B 95 29.65 -18.84 11.73
N LYS B 96 28.51 -18.36 11.21
CA LYS B 96 28.18 -16.95 11.23
C LYS B 96 27.54 -16.51 12.54
N GLY B 97 27.41 -17.41 13.50
CA GLY B 97 26.70 -17.07 14.71
C GLY B 97 25.20 -17.18 14.62
N LEU B 98 24.68 -17.73 13.54
CA LEU B 98 23.24 -17.83 13.32
C LEU B 98 22.75 -19.25 13.60
N LYS B 99 21.42 -19.39 13.63
CA LYS B 99 20.78 -20.69 13.79
C LYS B 99 19.98 -20.99 12.53
N LEU B 100 19.73 -22.27 12.29
CA LEU B 100 19.12 -22.71 11.04
C LEU B 100 17.76 -23.34 11.31
N GLY B 101 16.75 -22.87 10.60
CA GLY B 101 15.41 -23.44 10.65
C GLY B 101 15.13 -24.20 9.37
N ILE B 102 14.27 -25.21 9.46
CA ILE B 102 13.92 -26.04 8.33
C ILE B 102 12.42 -26.33 8.37
N TYR B 103 11.92 -26.98 7.33
CA TYR B 103 10.50 -27.14 7.11
C TYR B 103 10.18 -28.61 6.85
N ALA B 104 9.05 -29.06 7.40
CA ALA B 104 8.52 -30.38 7.14
C ALA B 104 7.01 -30.33 7.35
N ASP B 105 6.34 -31.42 6.99
CA ASP B 105 4.88 -31.46 7.03
C ASP B 105 4.41 -32.68 7.81
N VAL B 106 3.37 -32.47 8.61
CA VAL B 106 2.85 -33.54 9.47
C VAL B 106 2.20 -34.65 8.65
N GLY B 107 1.72 -34.33 7.46
CA GLY B 107 0.96 -35.27 6.65
C GLY B 107 1.81 -36.10 5.71
N ASN B 108 1.17 -36.53 4.63
CA ASN B 108 1.82 -37.38 3.64
C ASN B 108 2.74 -36.62 2.70
N LYS B 109 2.52 -35.31 2.52
CA LYS B 109 3.36 -34.48 1.67
C LYS B 109 3.39 -33.07 2.23
N THR B 110 4.45 -32.32 1.89
CA THR B 110 4.45 -30.88 2.13
C THR B 110 3.38 -30.24 1.25
N CYS B 111 3.03 -29.00 1.60
CA CYS B 111 1.98 -28.31 0.85
C CYS B 111 2.34 -28.17 -0.63
N ALA B 112 3.63 -28.03 -0.94
CA ALA B 112 4.06 -28.01 -2.33
C ALA B 112 4.13 -29.39 -2.97
N GLY B 113 4.00 -30.46 -2.19
CA GLY B 113 3.96 -31.80 -2.73
C GLY B 113 5.20 -32.64 -2.53
N PHE B 114 6.13 -32.21 -1.69
CA PHE B 114 7.36 -32.93 -1.43
C PHE B 114 7.14 -33.90 -0.28
N PRO B 115 8.12 -34.81 -0.01
CA PRO B 115 7.89 -35.86 1.00
C PRO B 115 7.39 -35.38 2.36
N GLY B 116 6.23 -35.90 2.78
CA GLY B 116 5.74 -35.68 4.13
C GLY B 116 6.49 -36.48 5.17
N SER B 117 6.18 -36.19 6.44
CA SER B 117 6.84 -36.85 7.56
C SER B 117 5.99 -37.89 8.25
N PHE B 118 4.75 -38.10 7.82
CA PHE B 118 3.90 -39.14 8.40
C PHE B 118 4.55 -40.51 8.24
N GLY B 119 4.68 -41.23 9.34
CA GLY B 119 5.38 -42.49 9.34
C GLY B 119 6.89 -42.38 9.50
N TYR B 120 7.43 -41.15 9.58
CA TYR B 120 8.86 -40.95 9.69
C TYR B 120 9.21 -39.91 10.74
N TYR B 121 8.31 -39.62 11.68
CA TYR B 121 8.51 -38.53 12.62
C TYR B 121 9.84 -38.65 13.36
N ASP B 122 10.12 -39.84 13.92
CA ASP B 122 11.34 -40.01 14.69
C ASP B 122 12.59 -39.97 13.80
N ILE B 123 12.53 -40.64 12.64
CA ILE B 123 13.62 -40.56 11.68
C ILE B 123 13.89 -39.11 11.30
N ASP B 124 12.84 -38.37 10.93
CA ASP B 124 13.04 -37.00 10.47
C ASP B 124 13.56 -36.10 11.59
N ALA B 125 13.05 -36.26 12.81
CA ALA B 125 13.55 -35.48 13.94
C ALA B 125 15.04 -35.73 14.16
N GLN B 126 15.44 -37.01 14.22
CA GLN B 126 16.84 -37.32 14.44
C GLN B 126 17.69 -36.85 13.26
N THR B 127 17.14 -36.94 12.04
CA THR B 127 17.86 -36.41 10.87
C THR B 127 18.14 -34.93 11.03
N PHE B 128 17.10 -34.15 11.36
CA PHE B 128 17.27 -32.71 11.54
C PHE B 128 18.29 -32.42 12.64
N ALA B 129 18.24 -33.19 13.73
CA ALA B 129 19.20 -32.96 14.82
C ALA B 129 20.63 -33.30 14.38
N ASP B 130 20.80 -34.38 13.63
CA ASP B 130 22.10 -34.75 13.11
C ASP B 130 22.65 -33.66 12.20
N TRP B 131 21.80 -33.13 11.32
CA TRP B 131 22.18 -32.03 10.44
C TRP B 131 22.55 -30.77 11.21
N GLY B 132 22.01 -30.59 12.41
CA GLY B 132 22.24 -29.38 13.18
C GLY B 132 21.13 -28.36 13.10
N VAL B 133 19.93 -28.78 12.67
CA VAL B 133 18.77 -27.90 12.64
C VAL B 133 18.47 -27.36 14.03
N ASP B 134 18.16 -26.06 14.10
CA ASP B 134 17.80 -25.41 15.35
C ASP B 134 16.34 -25.01 15.45
N LEU B 135 15.56 -25.17 14.38
CA LEU B 135 14.14 -24.82 14.37
C LEU B 135 13.46 -25.64 13.28
N LEU B 136 12.22 -26.02 13.54
CA LEU B 136 11.41 -26.73 12.56
C LEU B 136 10.04 -26.06 12.48
N LYS B 137 9.68 -25.62 11.28
CA LYS B 137 8.30 -25.21 10.99
C LYS B 137 7.58 -26.44 10.46
N PHE B 138 6.49 -26.82 11.12
CA PHE B 138 5.78 -28.05 10.82
C PHE B 138 4.41 -27.71 10.26
N ASP B 139 4.22 -27.98 8.97
CA ASP B 139 3.02 -27.64 8.21
C ASP B 139 2.00 -28.76 8.29
N GLY B 140 0.77 -28.47 7.83
CA GLY B 140 -0.32 -29.40 8.07
C GLY B 140 -1.08 -29.86 6.83
N CYS B 141 -0.45 -29.77 5.65
CA CYS B 141 -1.10 -30.26 4.45
C CYS B 141 -1.08 -31.78 4.41
N TYR B 142 -2.05 -32.33 3.68
CA TYR B 142 -2.08 -33.76 3.34
C TYR B 142 -2.20 -34.64 4.59
N CYS B 143 -3.17 -34.29 5.44
CA CYS B 143 -3.46 -35.03 6.67
C CYS B 143 -4.93 -35.40 6.65
N ASP B 144 -5.22 -36.70 6.66
CA ASP B 144 -6.59 -37.16 6.42
C ASP B 144 -7.51 -37.00 7.62
N SER B 145 -6.98 -36.80 8.83
CA SER B 145 -7.83 -36.72 9.99
C SER B 145 -7.25 -35.76 11.02
N LEU B 146 -8.14 -35.06 11.73
CA LEU B 146 -7.72 -34.25 12.87
C LEU B 146 -7.01 -35.09 13.91
N GLU B 147 -7.38 -36.36 14.04
CA GLU B 147 -6.67 -37.26 14.93
C GLU B 147 -5.23 -37.45 14.47
N ASN B 148 -5.03 -37.67 13.18
CA ASN B 148 -3.67 -37.77 12.65
C ASN B 148 -2.94 -36.44 12.78
N LEU B 149 -3.65 -35.33 12.57
CA LEU B 149 -3.05 -34.01 12.74
C LEU B 149 -2.47 -33.83 14.14
N ALA B 150 -3.33 -33.99 15.16
CA ALA B 150 -2.90 -33.82 16.55
C ALA B 150 -1.84 -34.83 16.94
N ASP B 151 -2.05 -36.11 16.56
CA ASP B 151 -1.08 -37.14 16.87
C ASP B 151 0.28 -36.80 16.27
N GLY B 152 0.30 -36.37 15.01
CA GLY B 152 1.56 -36.05 14.36
C GLY B 152 2.25 -34.86 15.00
N TYR B 153 1.50 -33.81 15.33
CA TYR B 153 2.11 -32.66 15.98
C TYR B 153 2.71 -33.03 17.34
N LYS B 154 1.94 -33.72 18.17
CA LYS B 154 2.46 -34.14 19.47
C LYS B 154 3.64 -35.10 19.30
N HIS B 155 3.53 -36.03 18.36
CA HIS B 155 4.56 -37.03 18.11
C HIS B 155 5.86 -36.38 17.68
N MET B 156 5.78 -35.40 16.76
CA MET B 156 6.98 -34.71 16.33
C MET B 156 7.58 -33.89 17.46
N SER B 157 6.74 -33.24 18.27
CA SER B 157 7.23 -32.54 19.45
C SER B 157 8.06 -33.47 20.33
N LEU B 158 7.50 -34.65 20.61
CA LEU B 158 8.20 -35.62 21.46
C LEU B 158 9.48 -36.14 20.82
N ALA B 159 9.44 -36.42 19.51
CA ALA B 159 10.62 -36.93 18.83
C ALA B 159 11.75 -35.92 18.84
N LEU B 160 11.44 -34.66 18.52
CA LEU B 160 12.42 -33.59 18.62
C LEU B 160 13.01 -33.55 20.02
N ASN B 161 12.16 -33.67 21.04
CA ASN B 161 12.67 -33.75 22.40
C ASN B 161 13.64 -34.92 22.58
N ARG B 162 13.28 -36.08 22.02
CA ARG B 162 14.10 -37.28 22.20
C ARG B 162 15.47 -37.12 21.61
N THR B 163 15.62 -36.28 20.57
CA THR B 163 16.95 -36.06 20.03
C THR B 163 17.91 -35.48 21.06
N GLY B 164 17.40 -34.76 22.05
CA GLY B 164 18.24 -34.05 23.00
C GLY B 164 18.84 -32.75 22.50
N ARG B 165 18.50 -32.35 21.28
CA ARG B 165 18.93 -31.06 20.73
C ARG B 165 17.83 -30.04 20.91
N SER B 166 18.22 -28.81 21.28
CA SER B 166 17.27 -27.71 21.40
C SER B 166 16.80 -27.30 20.00
N ILE B 167 15.51 -27.56 19.70
CA ILE B 167 14.94 -27.28 18.40
C ILE B 167 13.62 -26.52 18.60
N VAL B 168 13.60 -25.24 18.22
CA VAL B 168 12.35 -24.49 18.26
C VAL B 168 11.32 -25.14 17.35
N TYR B 169 10.09 -25.27 17.83
CA TYR B 169 9.04 -26.04 17.16
C TYR B 169 7.89 -25.11 16.82
N SER B 170 7.71 -24.84 15.53
CA SER B 170 6.71 -23.90 15.03
C SER B 170 5.63 -24.69 14.30
N CYS B 171 4.38 -24.50 14.71
CA CYS B 171 3.28 -25.38 14.30
C CYS B 171 2.20 -24.60 13.56
N GLU B 172 1.59 -25.24 12.57
CA GLU B 172 0.42 -24.69 11.89
C GLU B 172 -0.86 -25.39 12.30
N TRP B 173 -0.80 -26.27 13.30
CA TRP B 173 -1.88 -27.06 13.88
C TRP B 173 -3.21 -26.30 14.01
N PRO B 174 -3.27 -25.16 14.72
CA PRO B 174 -4.56 -24.47 14.87
C PRO B 174 -5.20 -24.10 13.55
N LEU B 175 -4.42 -23.57 12.61
CA LEU B 175 -4.98 -23.10 11.36
C LEU B 175 -5.60 -24.23 10.57
N TYR B 176 -4.95 -25.40 10.57
CA TYR B 176 -5.50 -26.57 9.91
C TYR B 176 -6.63 -27.23 10.69
N MET B 177 -6.87 -26.83 11.94
CA MET B 177 -8.09 -27.30 12.60
C MET B 177 -9.34 -26.50 12.24
N TRP B 178 -9.20 -25.20 11.97
CA TRP B 178 -10.34 -24.28 11.98
C TRP B 178 -11.58 -24.69 11.18
N PRO B 179 -11.48 -25.28 9.98
CA PRO B 179 -12.71 -25.62 9.24
C PRO B 179 -13.60 -26.62 9.95
N PHE B 180 -13.06 -27.40 10.89
CA PHE B 180 -13.77 -28.48 11.54
C PHE B 180 -14.13 -28.19 13.00
N GLN B 181 -13.15 -27.79 13.81
CA GLN B 181 -13.42 -27.51 15.21
C GLN B 181 -12.48 -26.42 15.70
N LYS B 182 -12.90 -25.75 16.77
CA LYS B 182 -12.08 -24.71 17.36
C LYS B 182 -10.89 -25.32 18.09
N PRO B 183 -9.72 -24.69 18.04
CA PRO B 183 -8.53 -25.28 18.67
C PRO B 183 -8.56 -25.16 20.18
N ASN B 184 -7.96 -26.16 20.83
CA ASN B 184 -7.70 -26.13 22.26
C ASN B 184 -6.27 -25.63 22.42
N TYR B 185 -6.13 -24.34 22.72
CA TYR B 185 -4.82 -23.71 22.71
C TYR B 185 -3.95 -24.13 23.89
N THR B 186 -4.55 -24.63 24.97
CA THR B 186 -3.74 -25.14 26.09
C THR B 186 -2.91 -26.34 25.65
N GLU B 187 -3.52 -27.24 24.88
CA GLU B 187 -2.81 -28.41 24.37
C GLU B 187 -1.74 -28.01 23.35
N ILE B 188 -2.13 -27.17 22.38
CA ILE B 188 -1.18 -26.66 21.39
C ILE B 188 0.03 -26.04 22.09
N ARG B 189 -0.23 -25.19 23.08
CA ARG B 189 0.88 -24.57 23.80
C ARG B 189 1.72 -25.61 24.51
N GLN B 190 1.09 -26.66 25.05
CA GLN B 190 1.84 -27.77 25.62
C GLN B 190 2.87 -28.31 24.64
N TYR B 191 2.53 -28.37 23.35
CA TYR B 191 3.43 -29.02 22.41
C TYR B 191 4.24 -28.09 21.52
N CYS B 192 3.87 -26.82 21.36
CA CYS B 192 4.47 -25.96 20.33
C CYS B 192 5.04 -24.68 20.93
N ASN B 193 6.18 -24.22 20.35
CA ASN B 193 6.78 -22.95 20.77
C ASN B 193 6.04 -21.74 20.18
N HIS B 194 5.44 -21.89 19.01
CA HIS B 194 4.46 -20.93 18.51
C HIS B 194 3.61 -21.61 17.45
N TRP B 195 2.46 -21.01 17.16
CA TRP B 195 1.46 -21.65 16.31
C TRP B 195 0.78 -20.63 15.42
N ARG B 196 0.68 -20.95 14.12
CA ARG B 196 -0.04 -20.10 13.19
C ARG B 196 -1.54 -20.21 13.40
N ASN B 197 -2.22 -19.07 13.51
CA ASN B 197 -3.64 -19.01 13.77
C ASN B 197 -4.49 -18.69 12.55
N PHE B 198 -3.97 -17.95 11.58
CA PHE B 198 -4.77 -17.35 10.52
C PHE B 198 -4.11 -17.61 9.17
N ALA B 199 -4.83 -17.23 8.11
CA ALA B 199 -4.39 -17.48 6.74
C ALA B 199 -3.05 -16.83 6.45
N ASP B 200 -2.34 -17.40 5.46
CA ASP B 200 -1.04 -16.89 5.03
C ASP B 200 -1.08 -15.40 4.70
N ILE B 201 -0.10 -14.66 5.22
CA ILE B 201 0.10 -13.27 4.83
C ILE B 201 0.51 -13.19 3.37
N ASP B 202 0.12 -12.10 2.71
CA ASP B 202 0.69 -11.77 1.40
C ASP B 202 1.15 -10.33 1.42
N ASP B 203 1.59 -9.81 0.28
CA ASP B 203 2.25 -8.51 0.22
C ASP B 203 1.22 -7.41 -0.02
N SER B 204 0.32 -7.24 0.95
CA SER B 204 -0.75 -6.27 0.78
C SER B 204 -1.20 -5.73 2.14
N TRP B 205 -1.67 -4.48 2.10
CA TRP B 205 -2.33 -3.88 3.25
C TRP B 205 -3.61 -4.63 3.61
N LYS B 206 -4.32 -5.16 2.61
CA LYS B 206 -5.51 -5.97 2.87
C LYS B 206 -5.18 -7.14 3.80
N SER B 207 -4.05 -7.81 3.56
CA SER B 207 -3.64 -8.93 4.40
C SER B 207 -3.37 -8.50 5.83
N ILE B 208 -2.69 -7.36 6.00
CA ILE B 208 -2.42 -6.83 7.34
C ILE B 208 -3.73 -6.55 8.07
N LYS B 209 -4.64 -5.86 7.39
CA LYS B 209 -5.93 -5.54 8.01
C LYS B 209 -6.67 -6.80 8.41
N SER B 210 -6.68 -7.82 7.55
CA SER B 210 -7.45 -9.01 7.87
C SER B 210 -6.82 -9.77 9.04
N ILE B 211 -5.49 -9.83 9.09
CA ILE B 211 -4.83 -10.46 10.23
C ILE B 211 -5.15 -9.72 11.52
N LEU B 212 -5.09 -8.38 11.49
CA LEU B 212 -5.40 -7.59 12.67
C LEU B 212 -6.85 -7.79 13.09
N ASP B 213 -7.78 -7.77 12.13
CA ASP B 213 -9.20 -7.83 12.45
C ASP B 213 -9.58 -9.20 12.99
N TRP B 214 -8.95 -10.26 12.50
CA TRP B 214 -9.25 -11.57 13.06
C TRP B 214 -8.58 -11.77 14.41
N THR B 215 -7.39 -11.20 14.62
CA THR B 215 -6.79 -11.27 15.95
C THR B 215 -7.65 -10.56 16.97
N SER B 216 -8.08 -9.33 16.67
CA SER B 216 -8.90 -8.58 17.62
C SER B 216 -10.27 -9.24 17.81
N PHE B 217 -10.89 -9.73 16.74
CA PHE B 217 -12.17 -10.39 16.90
C PHE B 217 -12.06 -11.62 17.80
N ASN B 218 -10.90 -12.28 17.80
CA ASN B 218 -10.71 -13.52 18.53
C ASN B 218 -9.85 -13.36 19.77
N GLN B 219 -9.64 -12.13 20.25
CA GLN B 219 -8.60 -11.91 21.25
C GLN B 219 -8.98 -12.51 22.60
N GLU B 220 -10.28 -12.57 22.92
CA GLU B 220 -10.74 -13.27 24.12
C GLU B 220 -10.18 -14.69 24.18
N ARG B 221 -9.99 -15.30 23.01
CA ARG B 221 -9.70 -16.72 22.88
C ARG B 221 -8.20 -17.03 22.81
N ILE B 222 -7.37 -16.08 22.40
CA ILE B 222 -5.96 -16.39 22.14
C ILE B 222 -4.98 -15.56 22.94
N VAL B 223 -5.35 -14.38 23.45
CA VAL B 223 -4.34 -13.48 24.01
C VAL B 223 -3.72 -14.07 25.27
N ASP B 224 -4.54 -14.61 26.17
CA ASP B 224 -4.01 -15.09 27.45
C ASP B 224 -3.27 -16.41 27.31
N VAL B 225 -3.45 -17.13 26.21
CA VAL B 225 -2.72 -18.38 25.99
C VAL B 225 -1.23 -18.10 25.79
N ALA B 226 -0.89 -16.96 25.22
CA ALA B 226 0.48 -16.69 24.82
C ALA B 226 1.32 -16.29 26.03
N GLY B 227 2.60 -16.63 25.97
CA GLY B 227 3.54 -16.31 27.03
C GLY B 227 4.89 -16.94 26.75
N PRO B 228 5.86 -16.70 27.62
CA PRO B 228 7.19 -17.29 27.42
C PRO B 228 7.11 -18.78 27.16
N GLY B 229 7.70 -19.22 26.04
CA GLY B 229 7.68 -20.60 25.63
C GLY B 229 6.64 -20.93 24.59
N GLY B 230 5.64 -20.07 24.40
CA GLY B 230 4.57 -20.35 23.46
C GLY B 230 3.83 -19.10 23.01
N TRP B 231 3.85 -18.81 21.71
CA TRP B 231 3.37 -17.54 21.19
C TRP B 231 2.36 -17.75 20.07
N ASN B 232 1.43 -16.79 19.96
CA ASN B 232 0.60 -16.68 18.76
C ASN B 232 1.43 -16.17 17.60
N ASP B 233 1.24 -16.75 16.43
CA ASP B 233 2.02 -16.42 15.24
C ASP B 233 1.10 -15.85 14.16
N PRO B 234 1.06 -14.54 13.98
CA PRO B 234 0.26 -13.94 12.90
C PRO B 234 0.94 -13.90 11.55
N ASP B 235 2.04 -14.64 11.40
CA ASP B 235 2.79 -14.87 10.15
C ASP B 235 3.84 -13.78 9.92
N MET B 236 4.53 -13.88 8.78
CA MET B 236 5.79 -13.19 8.54
C MET B 236 5.65 -11.67 8.46
N LEU B 237 6.72 -10.98 8.85
CA LEU B 237 6.87 -9.58 8.48
C LEU B 237 7.15 -9.46 6.98
N VAL B 238 6.43 -8.57 6.32
CA VAL B 238 6.60 -8.34 4.89
C VAL B 238 7.13 -6.93 4.63
N ILE B 239 7.67 -6.30 5.67
CA ILE B 239 8.34 -5.01 5.50
C ILE B 239 9.58 -5.22 4.64
N GLY B 240 9.83 -4.27 3.75
CA GLY B 240 10.93 -4.37 2.81
C GLY B 240 10.57 -4.91 1.46
N ASN B 241 9.31 -5.27 1.25
CA ASN B 241 8.86 -5.84 -0.03
C ASN B 241 8.18 -4.73 -0.83
N PHE B 242 6.99 -4.93 -1.39
CA PHE B 242 6.48 -4.08 -2.47
C PHE B 242 5.09 -3.52 -2.23
N GLY B 243 4.28 -4.12 -1.38
CA GLY B 243 2.87 -3.79 -1.38
C GLY B 243 2.41 -2.88 -0.26
N LEU B 244 3.28 -2.61 0.72
CA LEU B 244 2.93 -1.79 1.87
C LEU B 244 3.55 -0.41 1.73
N SER B 245 2.72 0.63 1.93
CA SER B 245 3.25 1.97 2.07
C SER B 245 4.07 2.06 3.36
N TRP B 246 4.84 3.15 3.48
CA TRP B 246 5.66 3.34 4.67
C TRP B 246 4.82 3.27 5.95
N ASN B 247 3.64 3.91 5.92
CA ASN B 247 2.79 3.93 7.11
C ASN B 247 2.19 2.55 7.39
N GLN B 248 1.87 1.78 6.35
CA GLN B 248 1.41 0.41 6.55
C GLN B 248 2.52 -0.50 7.08
N GLN B 249 3.77 -0.25 6.69
CA GLN B 249 4.90 -0.99 7.26
C GLN B 249 5.06 -0.65 8.74
N VAL B 250 4.96 0.64 9.07
CA VAL B 250 4.96 1.07 10.46
C VAL B 250 3.87 0.34 11.24
N THR B 251 2.67 0.26 10.66
CA THR B 251 1.57 -0.43 11.33
C THR B 251 1.92 -1.89 11.60
N GLN B 252 2.49 -2.59 10.61
CA GLN B 252 2.81 -4.00 10.86
C GLN B 252 3.87 -4.16 11.95
N MET B 253 4.93 -3.35 11.90
CA MET B 253 5.98 -3.45 12.89
C MET B 253 5.44 -3.18 14.29
N ALA B 254 4.72 -2.06 14.43
CA ALA B 254 4.13 -1.68 15.71
C ALA B 254 3.21 -2.76 16.26
N LEU B 255 2.32 -3.30 15.42
CA LEU B 255 1.32 -4.22 15.94
C LEU B 255 1.90 -5.60 16.19
N TRP B 256 2.93 -6.01 15.42
CA TRP B 256 3.60 -7.26 15.76
C TRP B 256 4.37 -7.13 17.07
N ALA B 257 4.84 -5.92 17.39
CA ALA B 257 5.35 -5.70 18.74
C ALA B 257 4.25 -5.82 19.78
N ILE B 258 3.10 -5.18 19.53
CA ILE B 258 1.97 -5.25 20.45
C ILE B 258 1.54 -6.70 20.68
N MET B 259 1.53 -7.51 19.62
CA MET B 259 0.98 -8.86 19.70
C MET B 259 1.95 -9.90 20.25
N ALA B 260 3.16 -9.50 20.66
CA ALA B 260 4.21 -10.44 21.07
C ALA B 260 4.39 -11.53 20.02
N ALA B 261 4.42 -11.12 18.76
CA ALA B 261 4.54 -12.04 17.65
C ALA B 261 5.99 -12.45 17.44
N PRO B 262 6.24 -13.68 17.02
CA PRO B 262 7.53 -14.00 16.39
C PRO B 262 7.77 -13.05 15.23
N LEU B 263 8.99 -12.55 15.11
CA LEU B 263 9.37 -11.61 14.06
C LEU B 263 10.22 -12.36 13.04
N PHE B 264 9.57 -12.94 12.05
CA PHE B 264 10.25 -13.59 10.93
C PHE B 264 10.09 -12.73 9.69
N MET B 265 11.15 -12.03 9.31
CA MET B 265 11.16 -11.30 8.06
C MET B 265 11.05 -12.26 6.88
N SER B 266 10.26 -11.88 5.88
CA SER B 266 10.25 -12.60 4.60
C SER B 266 10.42 -11.56 3.52
N ASN B 267 11.67 -11.29 3.17
CA ASN B 267 12.03 -10.23 2.25
C ASN B 267 13.35 -10.64 1.59
N ASP B 268 13.97 -9.70 0.88
CA ASP B 268 15.28 -9.94 0.27
C ASP B 268 16.25 -8.95 0.90
N LEU B 269 17.11 -9.44 1.79
CA LEU B 269 18.06 -8.54 2.45
C LEU B 269 19.10 -7.98 1.50
N ARG B 270 19.20 -8.51 0.28
CA ARG B 270 20.08 -7.94 -0.72
C ARG B 270 19.49 -6.69 -1.37
N HIS B 271 18.17 -6.48 -1.27
CA HIS B 271 17.48 -5.37 -1.93
C HIS B 271 16.42 -4.83 -0.97
N ILE B 272 16.84 -3.97 -0.04
CA ILE B 272 15.93 -3.43 0.95
C ILE B 272 16.27 -1.98 1.18
N SER B 273 15.25 -1.14 1.29
CA SER B 273 15.45 0.28 1.42
C SER B 273 16.01 0.63 2.80
N PRO B 274 16.72 1.75 2.91
CA PRO B 274 17.18 2.19 4.24
C PRO B 274 16.05 2.39 5.23
N GLN B 275 14.91 2.94 4.79
CA GLN B 275 13.76 3.13 5.68
C GLN B 275 13.27 1.80 6.24
N ALA B 276 13.04 0.82 5.36
CA ALA B 276 12.58 -0.49 5.81
C ALA B 276 13.57 -1.12 6.78
N LYS B 277 14.87 -0.99 6.48
CA LYS B 277 15.88 -1.57 7.36
C LYS B 277 15.87 -0.90 8.73
N ALA B 278 15.78 0.44 8.76
CA ALA B 278 15.74 1.14 10.04
C ALA B 278 14.49 0.79 10.83
N LEU B 279 13.36 0.59 10.15
CA LEU B 279 12.15 0.18 10.84
C LEU B 279 12.31 -1.23 11.43
N LEU B 280 12.80 -2.17 10.62
CA LEU B 280 12.94 -3.54 11.09
C LEU B 280 14.01 -3.69 12.17
N GLN B 281 14.99 -2.79 12.20
CA GLN B 281 16.07 -2.85 13.18
C GLN B 281 15.85 -1.88 14.34
N ASP B 282 14.66 -1.28 14.43
CA ASP B 282 14.34 -0.32 15.47
C ASP B 282 14.44 -0.99 16.84
N LYS B 283 15.44 -0.60 17.63
CA LYS B 283 15.74 -1.32 18.86
C LYS B 283 14.67 -1.11 19.94
N ASP B 284 14.03 0.07 19.97
CA ASP B 284 12.99 0.31 20.96
C ASP B 284 11.74 -0.52 20.69
N VAL B 285 11.35 -0.64 19.42
CA VAL B 285 10.20 -1.46 19.06
C VAL B 285 10.52 -2.94 19.25
N ILE B 286 11.72 -3.37 18.84
CA ILE B 286 12.14 -4.74 19.10
C ILE B 286 12.09 -5.03 20.60
N ALA B 287 12.57 -4.09 21.41
CA ALA B 287 12.55 -4.27 22.85
C ALA B 287 11.12 -4.44 23.37
N ILE B 288 10.16 -3.73 22.76
CA ILE B 288 8.76 -3.98 23.14
C ILE B 288 8.36 -5.41 22.78
N ASN B 289 8.60 -5.81 21.52
CA ASN B 289 8.25 -7.16 21.12
C ASN B 289 8.88 -8.21 22.03
N GLN B 290 10.15 -8.00 22.40
CA GLN B 290 10.95 -8.93 23.19
C GLN B 290 10.80 -8.73 24.70
N ASP B 291 9.77 -8.00 25.14
CA ASP B 291 9.67 -7.62 26.54
C ASP B 291 9.64 -8.85 27.45
N PRO B 292 10.45 -8.90 28.51
CA PRO B 292 10.57 -10.14 29.30
C PRO B 292 9.28 -10.61 29.97
N LEU B 293 8.37 -9.71 30.31
CA LEU B 293 7.09 -10.15 30.88
C LEU B 293 6.36 -11.10 29.95
N GLY B 294 6.43 -10.86 28.64
CA GLY B 294 5.85 -11.79 27.68
C GLY B 294 4.34 -11.93 27.74
N LYS B 295 3.62 -10.84 28.04
CA LYS B 295 2.17 -10.81 27.96
C LYS B 295 1.77 -10.16 26.65
N GLN B 296 0.95 -10.87 25.86
CA GLN B 296 0.51 -10.36 24.57
C GLN B 296 -0.46 -9.20 24.77
N GLY B 297 -0.35 -8.17 23.93
CA GLY B 297 -1.26 -7.06 23.96
C GLY B 297 -2.61 -7.40 23.32
N TYR B 298 -3.43 -6.37 23.16
CA TYR B 298 -4.82 -6.55 22.74
C TYR B 298 -5.38 -5.23 22.25
N GLN B 299 -6.51 -5.32 21.55
CA GLN B 299 -7.26 -4.14 21.13
C GLN B 299 -8.08 -3.60 22.29
N LEU B 300 -7.82 -2.36 22.68
CA LEU B 300 -8.55 -1.76 23.80
C LEU B 300 -9.82 -1.07 23.33
N ARG B 301 -9.75 -0.39 22.18
CA ARG B 301 -10.90 0.37 21.71
C ARG B 301 -10.94 0.32 20.20
N GLN B 302 -12.15 0.47 19.65
CA GLN B 302 -12.36 0.46 18.21
C GLN B 302 -13.56 1.33 17.89
N GLY B 303 -13.40 2.24 16.95
CA GLY B 303 -14.54 3.04 16.50
C GLY B 303 -14.12 4.27 15.74
N ASP B 304 -15.04 4.76 14.89
CA ASP B 304 -14.79 5.93 14.04
C ASP B 304 -13.53 5.74 13.19
N ASN B 305 -13.34 4.52 12.69
CA ASN B 305 -12.16 4.16 11.90
C ASN B 305 -10.86 4.42 12.66
N PHE B 306 -10.90 4.30 13.99
CA PHE B 306 -9.73 4.30 14.84
C PHE B 306 -9.64 2.98 15.58
N GLU B 307 -8.42 2.59 15.92
CA GLU B 307 -8.20 1.48 16.83
C GLU B 307 -7.15 1.88 17.86
N VAL B 308 -7.38 1.49 19.11
CA VAL B 308 -6.38 1.60 20.17
C VAL B 308 -6.07 0.20 20.66
N TRP B 309 -4.80 -0.17 20.60
CA TRP B 309 -4.25 -1.39 21.15
C TRP B 309 -3.26 -1.03 22.25
N GLU B 310 -3.05 -1.96 23.18
CA GLU B 310 -2.02 -1.74 24.18
C GLU B 310 -1.46 -3.09 24.62
N ARG B 311 -0.27 -3.03 25.21
CA ARG B 311 0.47 -4.21 25.66
C ARG B 311 1.14 -3.91 26.99
N PRO B 312 0.87 -4.70 28.03
CA PRO B 312 1.59 -4.52 29.29
C PRO B 312 3.02 -5.01 29.18
N LEU B 313 3.95 -4.21 29.71
CA LEU B 313 5.38 -4.49 29.68
C LEU B 313 5.91 -4.64 31.11
N SER B 314 7.15 -5.11 31.20
CA SER B 314 7.79 -5.25 32.50
C SER B 314 7.89 -3.90 33.20
N GLY B 315 7.73 -3.92 34.52
CA GLY B 315 8.01 -2.73 35.30
C GLY B 315 6.95 -1.64 35.24
N LEU B 316 5.68 -2.01 35.11
CA LEU B 316 4.55 -1.10 35.06
C LEU B 316 4.59 -0.16 33.85
N ALA B 317 5.28 -0.54 32.79
CA ALA B 317 5.24 0.22 31.55
C ALA B 317 4.23 -0.41 30.60
N TRP B 318 3.78 0.40 29.63
CA TRP B 318 2.82 -0.06 28.63
C TRP B 318 3.21 0.45 27.26
N ALA B 319 2.92 -0.34 26.24
CA ALA B 319 3.01 0.14 24.86
C ALA B 319 1.59 0.39 24.37
N VAL B 320 1.39 1.51 23.68
CA VAL B 320 0.07 1.90 23.18
C VAL B 320 0.16 2.20 21.69
N ALA B 321 -0.70 1.55 20.90
CA ALA B 321 -0.71 1.76 19.46
C ALA B 321 -2.05 2.34 19.04
N MET B 322 -2.03 3.45 18.30
CA MET B 322 -3.23 4.03 17.72
C MET B 322 -3.15 3.92 16.21
N ILE B 323 -4.15 3.26 15.62
CA ILE B 323 -4.23 3.02 14.17
C ILE B 323 -5.35 3.88 13.61
N ASN B 324 -5.06 4.57 12.51
CA ASN B 324 -6.09 5.28 11.74
C ASN B 324 -6.49 4.38 10.57
N ARG B 325 -7.70 3.85 10.62
CA ARG B 325 -8.19 2.96 9.56
C ARG B 325 -8.98 3.68 8.48
N GLN B 326 -9.04 5.01 8.52
CA GLN B 326 -9.65 5.77 7.43
C GLN B 326 -8.64 5.93 6.31
N GLU B 327 -9.01 5.50 5.11
CA GLU B 327 -8.08 5.40 3.97
C GLU B 327 -8.32 6.53 2.98
N ILE B 328 -8.54 7.73 3.52
CA ILE B 328 -8.74 8.93 2.71
C ILE B 328 -8.40 10.10 3.61
N GLY B 329 -8.03 11.23 3.01
CA GLY B 329 -7.77 12.42 3.79
C GLY B 329 -6.37 12.44 4.38
N GLY B 330 -6.24 13.14 5.51
CA GLY B 330 -4.96 13.38 6.11
C GLY B 330 -4.91 12.84 7.53
N PRO B 331 -3.86 13.18 8.26
CA PRO B 331 -3.74 12.70 9.64
C PRO B 331 -4.93 13.14 10.47
N ARG B 332 -5.46 12.22 11.28
CA ARG B 332 -6.64 12.52 12.08
C ARG B 332 -6.27 12.60 13.55
N SER B 333 -6.88 13.57 14.23
CA SER B 333 -6.63 13.79 15.65
C SER B 333 -7.37 12.76 16.50
N TYR B 334 -6.69 12.25 17.52
CA TYR B 334 -7.25 11.31 18.48
C TYR B 334 -6.83 11.75 19.87
N THR B 335 -7.79 11.87 20.77
CA THR B 335 -7.51 12.26 22.15
C THR B 335 -8.09 11.20 23.09
N ILE B 336 -7.33 10.86 24.12
CA ILE B 336 -7.79 9.88 25.11
C ILE B 336 -7.22 10.25 26.47
N ALA B 337 -8.02 9.99 27.51
CA ALA B 337 -7.54 10.21 28.87
C ALA B 337 -6.49 9.16 29.20
N VAL B 338 -5.34 9.60 29.72
CA VAL B 338 -4.29 8.63 30.01
C VAL B 338 -4.74 7.63 31.06
N ALA B 339 -5.74 7.99 31.88
CA ALA B 339 -6.28 7.07 32.87
C ALA B 339 -6.95 5.85 32.23
N SER B 340 -7.36 5.96 30.97
CA SER B 340 -7.94 4.81 30.28
C SER B 340 -6.90 3.85 29.74
N LEU B 341 -5.64 4.26 29.69
CA LEU B 341 -4.59 3.43 29.15
C LEU B 341 -3.93 2.62 30.25
N GLY B 342 -3.41 1.46 29.88
CA GLY B 342 -2.69 0.64 30.84
C GLY B 342 -3.51 0.26 32.07
N LYS B 343 -4.80 0.00 31.87
CA LYS B 343 -5.72 -0.37 32.95
C LYS B 343 -5.71 0.65 34.08
N GLY B 344 -5.43 1.91 33.76
CA GLY B 344 -5.33 2.94 34.78
C GLY B 344 -4.09 2.89 35.64
N VAL B 345 -3.15 1.99 35.35
CA VAL B 345 -1.95 1.83 36.15
C VAL B 345 -0.76 2.58 35.55
N ALA B 346 -0.65 2.58 34.22
CA ALA B 346 0.53 3.10 33.54
C ALA B 346 0.86 4.51 33.99
N CYS B 347 -0.16 5.35 34.21
CA CYS B 347 0.05 6.76 34.50
C CYS B 347 -0.43 7.13 35.91
N ASN B 348 -0.37 6.19 36.83
CA ASN B 348 -0.71 6.42 38.23
C ASN B 348 0.54 6.32 39.09
N PRO B 349 1.05 7.41 39.66
CA PRO B 349 0.48 8.76 39.63
C PRO B 349 0.81 9.56 38.38
N ALA B 350 1.87 9.18 37.66
CA ALA B 350 2.13 9.81 36.38
C ALA B 350 2.82 8.82 35.46
N CYS B 351 2.97 9.21 34.21
CA CYS B 351 3.79 8.44 33.27
C CYS B 351 4.55 9.41 32.39
N PHE B 352 5.74 8.99 31.98
CA PHE B 352 6.48 9.67 30.93
C PHE B 352 6.22 8.94 29.61
N ILE B 353 5.80 9.67 28.60
CA ILE B 353 5.38 9.10 27.34
C ILE B 353 6.43 9.41 26.28
N THR B 354 6.89 8.37 25.59
CA THR B 354 7.81 8.50 24.47
C THR B 354 7.14 7.92 23.23
N GLN B 355 6.97 8.75 22.21
CA GLN B 355 6.52 8.24 20.92
C GLN B 355 7.70 7.58 20.23
N LEU B 356 7.49 6.35 19.75
CA LEU B 356 8.52 5.59 19.04
C LEU B 356 8.27 5.53 17.54
N LEU B 357 7.01 5.48 17.12
CA LEU B 357 6.65 5.44 15.72
C LEU B 357 5.53 6.43 15.45
N PRO B 358 5.51 7.06 14.27
CA PRO B 358 6.42 6.80 13.14
C PRO B 358 7.81 7.42 13.32
N VAL B 359 7.93 8.35 14.27
CA VAL B 359 9.20 8.95 14.64
C VAL B 359 9.30 8.97 16.16
N LYS B 360 10.53 8.97 16.66
CA LYS B 360 10.79 8.97 18.09
C LYS B 360 10.81 10.40 18.62
N ARG B 361 9.88 10.71 19.53
CA ARG B 361 9.80 12.02 20.18
C ARG B 361 9.43 11.80 21.65
N LYS B 362 10.22 12.33 22.56
CA LYS B 362 9.76 12.39 23.95
C LYS B 362 8.60 13.36 24.08
N LEU B 363 7.44 12.88 24.57
CA LEU B 363 6.27 13.72 24.71
C LEU B 363 6.15 14.39 26.08
N GLY B 364 6.73 13.81 27.12
CA GLY B 364 6.80 14.48 28.42
C GLY B 364 6.02 13.73 29.49
N PHE B 365 5.89 14.37 30.64
CA PHE B 365 5.21 13.79 31.79
C PHE B 365 3.72 14.02 31.69
N TYR B 366 2.93 12.96 31.87
CA TYR B 366 1.48 13.04 31.87
C TYR B 366 0.96 12.55 33.21
N GLU B 367 0.26 13.44 33.92
CA GLU B 367 -0.38 13.14 35.18
C GLU B 367 -1.57 12.21 34.95
N TRP B 368 -2.02 11.53 36.02
CA TRP B 368 -3.08 10.54 35.88
C TRP B 368 -4.37 11.14 35.32
N THR B 369 -4.60 12.43 35.54
CA THR B 369 -5.83 13.08 35.10
C THR B 369 -5.70 13.74 33.74
N SER B 370 -4.55 13.65 33.07
CA SER B 370 -4.33 14.44 31.86
C SER B 370 -4.89 13.71 30.64
N ARG B 371 -4.80 14.36 29.49
CA ARG B 371 -5.27 13.80 28.23
C ARG B 371 -4.11 13.78 27.25
N LEU B 372 -4.05 12.73 26.46
CA LEU B 372 -3.06 12.60 25.41
C LEU B 372 -3.74 12.86 24.07
N ARG B 373 -3.13 13.74 23.28
CA ARG B 373 -3.61 14.04 21.94
C ARG B 373 -2.54 13.65 20.94
N SER B 374 -2.96 13.00 19.85
CA SER B 374 -2.06 12.59 18.79
C SER B 374 -2.75 12.81 17.44
N HIS B 375 -1.96 12.77 16.38
CA HIS B 375 -2.46 12.77 15.02
C HIS B 375 -1.90 11.55 14.31
N ILE B 376 -2.76 10.76 13.68
CA ILE B 376 -2.37 9.47 13.11
C ILE B 376 -2.63 9.51 11.61
N ASN B 377 -1.61 9.16 10.83
CA ASN B 377 -1.71 9.10 9.38
C ASN B 377 -2.69 8.02 8.94
N PRO B 378 -3.43 8.26 7.84
CA PRO B 378 -4.24 7.21 7.22
C PRO B 378 -3.46 5.91 6.98
N THR B 379 -4.01 4.79 7.47
CA THR B 379 -3.41 3.47 7.48
C THR B 379 -2.13 3.37 8.30
N GLY B 380 -1.73 4.44 9.00
CA GLY B 380 -0.57 4.41 9.84
C GLY B 380 -0.91 4.14 11.30
N THR B 381 0.15 4.03 12.11
CA THR B 381 0.03 3.81 13.54
C THR B 381 0.98 4.75 14.27
N VAL B 382 0.51 5.30 15.38
CA VAL B 382 1.39 5.94 16.36
C VAL B 382 1.64 4.93 17.47
N LEU B 383 2.90 4.62 17.74
CA LEU B 383 3.27 3.72 18.82
C LEU B 383 3.92 4.53 19.94
N LEU B 384 3.37 4.43 21.13
CA LEU B 384 3.88 5.11 22.32
C LEU B 384 4.35 4.10 23.35
N GLN B 385 5.33 4.50 24.15
CA GLN B 385 5.70 3.80 25.36
C GLN B 385 5.43 4.71 26.55
N LEU B 386 4.69 4.18 27.52
CA LEU B 386 4.33 4.89 28.75
C LEU B 386 5.10 4.25 29.89
N GLU B 387 5.84 5.07 30.63
CA GLU B 387 6.64 4.60 31.75
C GLU B 387 6.08 5.21 33.04
N ASN B 388 5.58 4.34 33.92
CA ASN B 388 5.05 4.78 35.21
C ASN B 388 6.12 5.50 36.02
N THR B 389 5.74 6.59 36.68
CA THR B 389 6.70 7.37 37.44
C THR B 389 5.98 8.21 38.50
N MET B 390 6.75 8.54 39.54
CA MET B 390 6.37 9.45 40.62
C MET B 390 6.92 10.85 40.44
N GLN B 391 7.80 11.07 39.47
CA GLN B 391 8.33 12.41 39.21
C GLN B 391 7.22 13.28 38.63
N MET B 392 7.57 14.47 38.15
CA MET B 392 6.57 15.46 37.76
C MET B 392 5.64 14.97 36.64
#